data_3JXA
#
_entry.id   3JXA
#
_cell.length_a   281.728
_cell.length_b   40.431
_cell.length_c   95.076
_cell.angle_alpha   90.00
_cell.angle_beta   103.32
_cell.angle_gamma   90.00
#
_symmetry.space_group_name_H-M   'C 1 2 1'
#
loop_
_entity.id
_entity.type
_entity.pdbx_description
1 polymer 'Contactin 4'
2 non-polymer 2-acetamido-2-deoxy-beta-D-glucopyranose
3 water water
#
_entity_poly.entity_id   1
_entity_poly.type   'polypeptide(L)'
_entity_poly.pdbx_seq_one_letter_code
;PGSGPVFVQEPSHVMFPLDSEEKKVKLSCEVKGNPKPHIRWKLNGTDVDIGMDFRYSVVDGSLLINNPNKTQDAGTYQCI
ATNSFGTIVSREAKLQFAYLENFKTRTRSTVSVRRGQGMVLLCGPPPHSGELSYAWIFNEYPSYQDNRRFVSQETGNLYI
AKVEKSDVGNYTCVVTNTVTNHKVLGPPTPLILRNDGVMGEYEPKIEVQFPETVPAEKGTTVKLECFALGNPVPTILWRR
ADGKPIARKARRHKSNGILEIPNFQQEDAGSYECVAENSRGKNVAKGQLTFYAQPNWVQIINDIHVAMEESVFWECKANG
RPKPTYRWLKNGDPLLTRDRIQIEQGTLNITIVNLSDAGMYQCVAENKHGVIFSSAELSVIAE
;
_entity_poly.pdbx_strand_id   A,B
#
# COMPACT_ATOMS: atom_id res chain seq x y z
N PRO A 1 -18.86 -2.30 -50.26
CA PRO A 1 -19.73 -2.90 -49.24
C PRO A 1 -19.35 -4.35 -48.93
N GLY A 2 -19.25 -4.66 -47.64
CA GLY A 2 -18.85 -5.99 -47.21
C GLY A 2 -17.39 -6.03 -46.79
N SER A 3 -17.13 -5.65 -45.55
CA SER A 3 -15.76 -5.65 -45.05
C SER A 3 -15.69 -5.92 -43.55
N GLY A 4 -14.74 -6.76 -43.16
CA GLY A 4 -14.48 -6.99 -41.75
C GLY A 4 -13.91 -5.73 -41.12
N PRO A 5 -13.81 -5.72 -39.79
CA PRO A 5 -13.35 -4.58 -38.99
C PRO A 5 -11.87 -4.24 -39.22
N VAL A 6 -11.57 -2.95 -39.29
CA VAL A 6 -10.19 -2.48 -39.24
C VAL A 6 -10.09 -1.27 -38.31
N PHE A 7 -9.00 -1.19 -37.55
CA PHE A 7 -8.82 -0.15 -36.55
C PHE A 7 -8.41 1.21 -37.14
N VAL A 8 -9.17 2.25 -36.81
CA VAL A 8 -8.81 3.60 -37.20
C VAL A 8 -7.97 4.24 -36.08
N GLN A 9 -8.24 3.85 -34.84
CA GLN A 9 -7.49 4.29 -33.65
C GLN A 9 -7.42 3.17 -32.62
N GLU A 10 -6.25 2.99 -32.02
CA GLU A 10 -6.08 1.97 -30.98
C GLU A 10 -5.67 2.56 -29.63
N PRO A 11 -5.89 1.81 -28.53
CA PRO A 11 -5.65 2.31 -27.18
C PRO A 11 -4.15 2.44 -26.91
N SER A 12 -3.77 3.44 -26.13
CA SER A 12 -2.37 3.69 -25.84
C SER A 12 -2.07 3.54 -24.35
N HIS A 13 -0.85 3.12 -24.03
CA HIS A 13 -0.41 3.03 -22.65
C HIS A 13 -0.69 4.35 -21.94
N VAL A 14 -0.97 4.27 -20.65
CA VAL A 14 -1.35 5.44 -19.88
C VAL A 14 -0.79 5.44 -18.46
N MET A 15 -0.20 6.55 -18.06
CA MET A 15 0.11 6.82 -16.66
C MET A 15 -0.80 7.96 -16.21
N PHE A 16 -1.84 7.63 -15.47
CA PHE A 16 -2.86 8.61 -15.12
C PHE A 16 -2.74 9.11 -13.67
N PRO A 17 -2.80 10.43 -13.49
CA PRO A 17 -2.83 11.07 -12.16
C PRO A 17 -4.07 10.64 -11.39
N LEU A 18 -3.96 10.59 -10.06
CA LEU A 18 -5.14 10.33 -9.24
C LEU A 18 -5.63 11.64 -8.61
N ASP A 19 -5.85 12.64 -9.45
CA ASP A 19 -6.34 13.94 -9.01
C ASP A 19 -6.96 14.73 -10.16
N LYS A 24 -13.17 11.93 -17.42
CA LYS A 24 -11.72 11.97 -17.25
C LYS A 24 -11.01 10.98 -18.18
N VAL A 25 -10.29 10.02 -17.60
CA VAL A 25 -9.49 9.08 -18.39
C VAL A 25 -10.21 8.48 -19.60
N LYS A 26 -9.60 8.64 -20.78
CA LYS A 26 -10.15 8.12 -22.02
C LYS A 26 -9.19 7.10 -22.65
N LEU A 27 -9.74 5.95 -23.04
CA LEU A 27 -8.94 4.93 -23.73
C LEU A 27 -9.39 4.81 -25.18
N SER A 28 -8.79 5.63 -26.04
CA SER A 28 -9.21 5.76 -27.43
C SER A 28 -9.16 4.45 -28.20
N CYS A 29 -10.17 4.26 -29.05
CA CYS A 29 -10.31 3.06 -29.87
C CYS A 29 -11.52 3.26 -30.79
N GLU A 30 -11.26 3.39 -32.09
CA GLU A 30 -12.35 3.49 -33.05
C GLU A 30 -12.14 2.57 -34.25
N VAL A 31 -13.25 2.04 -34.76
CA VAL A 31 -13.18 1.05 -35.81
C VAL A 31 -14.07 1.46 -37.00
N LYS A 32 -13.67 1.04 -38.19
CA LYS A 32 -14.50 1.19 -39.38
C LYS A 32 -14.74 -0.18 -39.97
N GLY A 33 -15.82 -0.31 -40.74
CA GLY A 33 -16.16 -1.58 -41.36
C GLY A 33 -17.64 -1.67 -41.68
N ASN A 34 -17.99 -2.61 -42.54
CA ASN A 34 -19.36 -2.76 -43.01
C ASN A 34 -19.79 -4.23 -43.07
N PRO A 35 -20.75 -4.62 -42.22
CA PRO A 35 -21.51 -3.80 -41.27
C PRO A 35 -20.67 -3.15 -40.17
N LYS A 36 -21.11 -1.97 -39.73
CA LYS A 36 -20.52 -1.28 -38.60
C LYS A 36 -20.28 -2.27 -37.47
N PRO A 37 -19.01 -2.41 -37.04
CA PRO A 37 -18.60 -3.37 -36.02
C PRO A 37 -18.92 -2.92 -34.61
N HIS A 38 -19.30 -3.84 -33.74
CA HIS A 38 -19.54 -3.56 -32.33
C HIS A 38 -18.25 -3.71 -31.53
N ILE A 39 -18.09 -2.89 -30.50
CA ILE A 39 -16.84 -2.87 -29.74
C ILE A 39 -17.00 -3.24 -28.27
N ARG A 40 -16.09 -4.08 -27.80
CA ARG A 40 -16.10 -4.55 -26.41
C ARG A 40 -14.69 -4.40 -25.81
N TRP A 41 -14.60 -4.42 -24.48
CA TRP A 41 -13.33 -4.21 -23.78
C TRP A 41 -12.96 -5.35 -22.83
N LYS A 42 -11.67 -5.47 -22.52
CA LYS A 42 -11.21 -6.54 -21.63
C LYS A 42 -10.09 -6.09 -20.69
N LEU A 43 -10.36 -6.12 -19.39
CA LEU A 43 -9.36 -5.78 -18.38
C LEU A 43 -8.71 -7.04 -17.81
N ASN A 44 -7.40 -7.14 -17.95
CA ASN A 44 -6.66 -8.33 -17.55
C ASN A 44 -7.14 -9.59 -18.26
N GLY A 45 -8.18 -9.45 -19.07
CA GLY A 45 -8.71 -10.57 -19.83
C GLY A 45 -10.21 -10.77 -19.66
N THR A 46 -10.80 -10.07 -18.70
CA THR A 46 -12.21 -10.25 -18.40
C THR A 46 -13.09 -9.16 -19.00
N ASP A 47 -14.12 -9.56 -19.73
CA ASP A 47 -15.04 -8.63 -20.36
C ASP A 47 -15.57 -7.60 -19.35
N VAL A 48 -15.38 -6.33 -19.69
CA VAL A 48 -15.89 -5.24 -18.88
C VAL A 48 -17.36 -4.98 -19.19
N ASP A 49 -18.23 -5.14 -18.18
CA ASP A 49 -19.66 -4.88 -18.36
C ASP A 49 -19.93 -3.39 -18.20
N ILE A 50 -20.00 -2.69 -19.32
CA ILE A 50 -20.07 -1.23 -19.35
C ILE A 50 -21.38 -0.64 -18.82
N GLY A 51 -22.49 -1.17 -19.27
CA GLY A 51 -23.80 -0.67 -18.86
C GLY A 51 -24.06 -0.87 -17.39
N MET A 52 -23.22 -1.69 -16.75
CA MET A 52 -23.40 -2.03 -15.35
C MET A 52 -22.23 -2.86 -14.81
N ASP A 53 -21.47 -2.27 -13.89
CA ASP A 53 -21.82 -0.94 -13.38
C ASP A 53 -20.65 0.00 -13.15
N PHE A 54 -20.81 1.22 -13.65
CA PHE A 54 -20.00 2.36 -13.25
C PHE A 54 -20.63 3.57 -13.93
N ARG A 55 -19.80 4.56 -14.21
CA ARG A 55 -20.17 5.62 -15.13
C ARG A 55 -19.28 5.48 -16.36
N TYR A 56 -19.18 4.26 -16.86
CA TYR A 56 -18.47 3.99 -18.11
C TYR A 56 -19.26 4.60 -19.25
N SER A 57 -18.54 5.25 -20.17
CA SER A 57 -19.17 5.86 -21.32
C SER A 57 -18.42 5.51 -22.60
N VAL A 58 -18.89 4.48 -23.30
CA VAL A 58 -18.22 4.03 -24.52
C VAL A 58 -18.57 4.95 -25.66
N VAL A 59 -17.84 6.05 -25.79
CA VAL A 59 -18.07 7.02 -26.85
C VAL A 59 -17.29 6.64 -28.11
N ASP A 60 -18.00 6.20 -29.14
CA ASP A 60 -17.41 5.78 -30.39
C ASP A 60 -16.20 4.86 -30.17
N GLY A 61 -16.45 3.73 -29.53
CA GLY A 61 -15.40 2.76 -29.25
C GLY A 61 -14.61 3.10 -28.00
N SER A 62 -14.13 4.34 -27.92
CA SER A 62 -13.26 4.77 -26.82
C SER A 62 -13.94 4.65 -25.46
N LEU A 63 -13.35 3.84 -24.58
CA LEU A 63 -13.87 3.64 -23.23
C LEU A 63 -13.50 4.80 -22.31
N LEU A 64 -14.51 5.37 -21.65
CA LEU A 64 -14.28 6.41 -20.65
C LEU A 64 -14.48 5.83 -19.26
N ILE A 65 -13.63 6.23 -18.32
CA ILE A 65 -13.82 5.94 -16.91
C ILE A 65 -13.85 7.27 -16.16
N ASN A 66 -15.05 7.68 -15.75
CA ASN A 66 -15.26 9.07 -15.33
C ASN A 66 -14.81 9.40 -13.90
N ASN A 67 -14.44 8.38 -13.14
CA ASN A 67 -13.85 8.57 -11.82
C ASN A 67 -13.06 7.33 -11.39
N PRO A 68 -11.74 7.37 -11.58
CA PRO A 68 -10.81 6.23 -11.46
C PRO A 68 -10.42 5.85 -10.04
N ASN A 69 -10.12 4.56 -9.85
CA ASN A 69 -9.51 4.06 -8.62
C ASN A 69 -8.43 3.04 -8.95
N LYS A 70 -7.24 3.25 -8.39
CA LYS A 70 -6.08 2.42 -8.72
C LYS A 70 -6.31 0.93 -8.49
N THR A 71 -6.76 0.59 -7.28
CA THR A 71 -6.81 -0.80 -6.85
C THR A 71 -7.67 -1.72 -7.73
N GLN A 72 -8.61 -1.14 -8.46
CA GLN A 72 -9.50 -1.95 -9.28
C GLN A 72 -9.36 -1.70 -10.78
N ASP A 73 -8.47 -0.78 -11.15
CA ASP A 73 -8.24 -0.46 -12.56
C ASP A 73 -6.76 -0.59 -12.89
N ALA A 74 -6.03 -1.37 -12.11
CA ALA A 74 -4.57 -1.41 -12.20
C ALA A 74 -4.03 -2.50 -13.13
N GLY A 75 -4.64 -2.65 -14.29
CA GLY A 75 -4.24 -3.68 -15.23
C GLY A 75 -4.15 -3.24 -16.68
N THR A 76 -4.05 -4.21 -17.58
CA THR A 76 -3.92 -3.92 -19.00
C THR A 76 -5.24 -4.13 -19.75
N TYR A 77 -5.61 -3.14 -20.57
CA TYR A 77 -6.87 -3.16 -21.30
C TYR A 77 -6.70 -3.61 -22.76
N GLN A 78 -7.74 -4.21 -23.31
CA GLN A 78 -7.74 -4.57 -24.72
C GLN A 78 -9.11 -4.31 -25.34
N CYS A 79 -9.10 -3.77 -26.56
CA CYS A 79 -10.32 -3.41 -27.28
C CYS A 79 -10.54 -4.44 -28.37
N ILE A 80 -11.72 -5.04 -28.39
CA ILE A 80 -12.03 -6.05 -29.41
C ILE A 80 -13.25 -5.68 -30.24
N ALA A 81 -13.09 -5.69 -31.56
CA ALA A 81 -14.13 -5.26 -32.49
C ALA A 81 -14.63 -6.40 -33.37
N THR A 82 -15.95 -6.57 -33.42
CA THR A 82 -16.56 -7.70 -34.09
C THR A 82 -17.69 -7.27 -35.02
N ASN A 83 -17.72 -7.85 -36.22
CA ASN A 83 -18.90 -7.79 -37.06
C ASN A 83 -19.17 -9.16 -37.66
N SER A 84 -19.93 -9.20 -38.75
CA SER A 84 -20.36 -10.47 -39.34
C SER A 84 -19.20 -11.30 -39.89
N PHE A 85 -18.19 -10.62 -40.41
CA PHE A 85 -17.08 -11.31 -41.07
C PHE A 85 -15.94 -11.71 -40.13
N GLY A 86 -16.10 -11.44 -38.84
CA GLY A 86 -15.13 -11.89 -37.87
C GLY A 86 -14.71 -10.90 -36.80
N THR A 87 -13.55 -11.15 -36.20
CA THR A 87 -13.11 -10.40 -35.03
C THR A 87 -11.62 -10.04 -35.05
N ILE A 88 -11.31 -8.82 -34.63
CA ILE A 88 -9.93 -8.40 -34.44
C ILE A 88 -9.75 -7.85 -33.04
N VAL A 89 -8.65 -8.21 -32.40
CA VAL A 89 -8.27 -7.64 -31.10
C VAL A 89 -7.18 -6.58 -31.27
N SER A 90 -7.25 -5.53 -30.47
CA SER A 90 -6.28 -4.45 -30.54
C SER A 90 -5.06 -4.74 -29.66
N ARG A 91 -4.02 -3.93 -29.84
CA ARG A 91 -2.82 -4.02 -29.01
C ARG A 91 -3.20 -3.80 -27.56
N GLU A 92 -2.41 -4.36 -26.65
CA GLU A 92 -2.68 -4.22 -25.23
C GLU A 92 -2.20 -2.86 -24.72
N ALA A 93 -3.02 -2.24 -23.87
CA ALA A 93 -2.68 -0.95 -23.28
C ALA A 93 -2.65 -1.02 -21.76
N LYS A 94 -1.48 -0.81 -21.18
CA LYS A 94 -1.32 -0.85 -19.73
C LYS A 94 -1.81 0.46 -19.08
N LEU A 95 -2.63 0.32 -18.05
CA LEU A 95 -3.15 1.48 -17.32
C LEU A 95 -2.57 1.54 -15.89
N GLN A 96 -1.68 2.49 -15.67
CA GLN A 96 -1.08 2.66 -14.34
C GLN A 96 -1.45 4.00 -13.75
N PHE A 97 -1.41 4.11 -12.43
CA PHE A 97 -1.78 5.35 -11.75
C PHE A 97 -0.60 5.93 -10.98
N ALA A 98 -0.45 7.25 -11.05
CA ALA A 98 0.67 7.92 -10.42
C ALA A 98 0.25 8.60 -9.14
N TYR A 99 1.16 8.61 -8.16
CA TYR A 99 0.89 9.21 -6.87
C TYR A 99 2.23 9.35 -6.15
N LEU A 100 2.26 10.22 -5.14
CA LEU A 100 3.43 10.38 -4.30
C LEU A 100 2.97 10.70 -2.87
N GLU A 101 3.22 9.77 -1.96
CA GLU A 101 2.79 9.92 -0.59
C GLU A 101 3.75 10.82 0.20
N ASN A 102 3.22 11.42 1.25
CA ASN A 102 4.02 12.27 2.11
C ASN A 102 5.03 11.45 2.89
N PHE A 103 6.17 12.07 3.22
CA PHE A 103 7.07 11.52 4.20
C PHE A 103 6.28 11.35 5.49
N LYS A 104 6.66 10.37 6.30
CA LYS A 104 5.93 10.10 7.54
C LYS A 104 6.72 10.45 8.80
N THR A 105 7.48 11.54 8.72
CA THR A 105 8.25 12.04 9.84
C THR A 105 8.80 13.42 9.51
N ARG A 106 8.93 14.28 10.53
CA ARG A 106 9.27 15.68 10.31
C ARG A 106 10.65 16.11 10.80
N THR A 107 11.37 15.22 11.48
CA THR A 107 12.74 15.52 11.87
C THR A 107 13.64 14.31 11.66
N ARG A 108 14.93 14.51 11.80
CA ARG A 108 15.89 13.47 11.50
C ARG A 108 17.16 13.68 12.31
N SER A 109 17.78 12.59 12.73
CA SER A 109 19.02 12.66 13.50
C SER A 109 20.07 13.51 12.79
N THR A 110 20.88 14.23 13.56
CA THR A 110 21.90 15.06 12.96
C THR A 110 23.05 14.17 12.57
N VAL A 111 23.74 14.52 11.49
CA VAL A 111 24.97 13.82 11.14
C VAL A 111 26.20 14.71 11.38
N SER A 112 27.28 14.09 11.86
CA SER A 112 28.48 14.81 12.24
C SER A 112 29.62 14.29 11.40
N VAL A 113 30.25 15.20 10.66
CA VAL A 113 31.24 14.83 9.65
C VAL A 113 32.54 15.58 9.89
N ARG A 114 33.65 14.97 9.49
CA ARG A 114 34.93 15.64 9.50
C ARG A 114 35.06 16.49 8.25
N ARG A 115 35.53 17.72 8.43
CA ARG A 115 35.74 18.60 7.28
C ARG A 115 36.75 17.92 6.36
N GLY A 116 36.51 17.99 5.06
CA GLY A 116 37.39 17.33 4.12
C GLY A 116 36.91 15.95 3.72
N GLN A 117 35.95 15.39 4.45
CA GLN A 117 35.44 14.06 4.14
C GLN A 117 34.35 14.14 3.08
N GLY A 118 34.21 13.09 2.29
CA GLY A 118 33.09 13.01 1.37
C GLY A 118 31.84 12.52 2.09
N MET A 119 30.67 12.93 1.63
CA MET A 119 29.49 12.39 2.25
C MET A 119 28.28 12.30 1.35
N VAL A 120 27.33 11.45 1.76
CA VAL A 120 26.07 11.22 1.06
C VAL A 120 24.88 11.48 1.98
N LEU A 121 24.00 12.38 1.57
CA LEU A 121 22.70 12.55 2.22
C LEU A 121 21.59 11.86 1.40
N LEU A 122 20.97 10.83 1.95
CA LEU A 122 19.99 10.03 1.21
C LEU A 122 18.63 10.67 1.25
N CYS A 123 17.99 10.76 0.08
CA CYS A 123 16.62 11.27 0.02
C CYS A 123 15.66 10.32 0.74
N GLY A 124 15.47 9.13 0.16
CA GLY A 124 14.53 8.16 0.68
C GLY A 124 13.11 8.56 0.33
N PRO A 125 12.79 8.60 -0.96
CA PRO A 125 11.43 8.94 -1.42
C PRO A 125 10.36 8.07 -0.79
N PRO A 126 9.19 8.64 -0.50
CA PRO A 126 8.03 7.86 -0.04
C PRO A 126 7.48 7.00 -1.18
N PRO A 127 6.62 6.02 -0.85
CA PRO A 127 6.05 5.18 -1.90
C PRO A 127 5.35 6.03 -2.97
N HIS A 128 5.55 5.68 -4.23
CA HIS A 128 5.12 6.53 -5.32
C HIS A 128 4.99 5.72 -6.59
N SER A 129 4.41 6.33 -7.62
CA SER A 129 4.41 5.74 -8.95
C SER A 129 4.43 6.84 -9.99
N GLY A 130 5.25 6.65 -11.01
CA GLY A 130 5.54 7.68 -11.98
C GLY A 130 6.95 8.19 -11.74
N GLU A 131 7.47 8.97 -12.68
CA GLU A 131 8.85 9.44 -12.59
C GLU A 131 8.99 10.59 -11.59
N LEU A 132 10.07 10.59 -10.82
CA LEU A 132 10.30 11.64 -9.83
C LEU A 132 11.42 12.62 -10.18
N SER A 133 11.29 13.83 -9.66
CA SER A 133 12.26 14.89 -9.85
C SER A 133 12.73 15.31 -8.46
N TYR A 134 13.99 15.70 -8.33
CA TYR A 134 14.57 16.02 -7.02
C TYR A 134 15.34 17.34 -6.95
N ALA A 135 15.23 18.02 -5.80
CA ALA A 135 16.07 19.17 -5.48
C ALA A 135 16.30 19.25 -3.96
N TRP A 136 17.35 19.93 -3.55
CA TRP A 136 17.61 20.09 -2.13
C TRP A 136 17.58 21.53 -1.67
N ILE A 137 17.23 21.70 -0.40
CA ILE A 137 17.24 23.00 0.24
C ILE A 137 18.33 23.02 1.32
N PHE A 138 19.10 24.10 1.36
CA PHE A 138 20.10 24.29 2.40
C PHE A 138 19.88 25.61 3.15
N ASN A 139 19.70 25.52 4.46
CA ASN A 139 19.42 26.72 5.26
C ASN A 139 18.43 27.68 4.62
N GLU A 140 17.25 27.15 4.29
CA GLU A 140 16.11 27.95 3.81
C GLU A 140 16.18 28.33 2.33
N TYR A 141 17.30 28.03 1.66
CA TYR A 141 17.45 28.38 0.25
C TYR A 141 17.88 27.20 -0.63
N PRO A 142 17.53 27.24 -1.92
CA PRO A 142 17.96 26.19 -2.84
C PRO A 142 19.46 25.91 -2.70
N SER A 143 19.79 24.62 -2.57
CA SER A 143 21.17 24.17 -2.45
C SER A 143 21.88 24.29 -3.78
N TYR A 144 23.08 24.88 -3.76
CA TYR A 144 23.81 25.17 -4.99
C TYR A 144 24.50 23.91 -5.52
N GLN A 145 24.40 23.69 -6.83
CA GLN A 145 24.96 22.49 -7.46
C GLN A 145 26.23 22.82 -8.23
N ASP A 146 27.25 21.99 -8.08
CA ASP A 146 28.50 22.23 -8.81
C ASP A 146 29.46 21.07 -8.71
N ASN A 147 30.68 21.37 -9.13
CA ASN A 147 31.85 20.52 -8.97
C ASN A 147 31.82 19.63 -7.72
N ARG A 148 31.36 20.21 -6.61
CA ARG A 148 31.52 19.64 -5.28
C ARG A 148 30.20 19.05 -4.72
N ARG A 149 29.07 19.54 -5.21
CA ARG A 149 27.74 19.07 -4.79
C ARG A 149 26.89 18.58 -5.97
N PHE A 150 26.51 17.31 -5.92
CA PHE A 150 25.77 16.70 -7.02
C PHE A 150 24.49 16.07 -6.47
N VAL A 151 23.36 16.38 -7.10
CA VAL A 151 22.07 15.75 -6.78
C VAL A 151 21.65 14.76 -7.87
N SER A 152 21.53 13.48 -7.51
CA SER A 152 21.12 12.45 -8.46
C SER A 152 19.62 12.49 -8.77
N GLN A 153 19.29 12.41 -10.07
CA GLN A 153 17.89 12.40 -10.50
C GLN A 153 17.34 10.98 -10.57
N GLU A 154 18.23 9.99 -10.48
CA GLU A 154 17.82 8.60 -10.33
C GLU A 154 17.40 8.31 -8.89
N THR A 155 18.21 8.73 -7.92
CA THR A 155 17.95 8.39 -6.52
C THR A 155 17.50 9.54 -5.64
N GLY A 156 17.85 10.76 -6.01
CA GLY A 156 17.53 11.93 -5.22
C GLY A 156 18.57 12.24 -4.15
N ASN A 157 19.56 11.35 -4.04
CA ASN A 157 20.62 11.55 -3.08
C ASN A 157 21.44 12.81 -3.36
N LEU A 158 21.94 13.46 -2.31
CA LEU A 158 22.84 14.60 -2.48
C LEU A 158 24.24 14.15 -2.10
N TYR A 159 25.18 14.36 -3.02
CA TYR A 159 26.56 13.99 -2.83
C TYR A 159 27.42 15.25 -2.62
N ILE A 160 28.23 15.23 -1.56
CA ILE A 160 29.21 16.28 -1.33
C ILE A 160 30.59 15.68 -1.43
N ALA A 161 31.29 16.02 -2.50
CA ALA A 161 32.63 15.46 -2.73
C ALA A 161 33.54 15.71 -1.56
N LYS A 162 33.37 16.85 -0.92
CA LYS A 162 34.30 17.26 0.13
C LYS A 162 33.66 18.28 1.07
N VAL A 163 33.42 17.88 2.31
CA VAL A 163 32.74 18.77 3.23
C VAL A 163 33.68 19.92 3.59
N GLU A 164 33.13 21.13 3.58
CA GLU A 164 33.88 22.33 3.91
C GLU A 164 33.22 23.09 5.07
N LYS A 165 33.92 24.06 5.65
CA LYS A 165 33.35 24.75 6.81
C LYS A 165 32.06 25.49 6.50
N SER A 166 31.81 25.76 5.22
CA SER A 166 30.61 26.44 4.77
C SER A 166 29.36 25.55 4.73
N ASP A 167 29.49 24.26 5.03
CA ASP A 167 28.37 23.33 4.81
C ASP A 167 27.49 23.02 6.02
N VAL A 168 27.65 23.76 7.11
CA VAL A 168 26.94 23.43 8.35
C VAL A 168 25.54 24.01 8.39
N GLY A 169 24.55 23.15 8.64
CA GLY A 169 23.16 23.58 8.73
C GLY A 169 22.17 22.46 8.46
N ASN A 170 21.06 22.80 7.79
CA ASN A 170 19.98 21.86 7.55
C ASN A 170 19.71 21.61 6.07
N TYR A 171 19.59 20.34 5.71
CA TYR A 171 19.36 19.92 4.33
C TYR A 171 18.01 19.22 4.16
N THR A 172 17.20 19.70 3.23
CA THR A 172 15.89 19.11 2.98
C THR A 172 15.72 18.65 1.53
N CYS A 173 15.39 17.37 1.34
CA CYS A 173 15.03 16.88 0.02
C CYS A 173 13.60 17.26 -0.34
N VAL A 174 13.44 17.87 -1.51
CA VAL A 174 12.10 18.13 -2.04
C VAL A 174 11.80 17.22 -3.25
N VAL A 175 10.92 16.24 -3.04
CA VAL A 175 10.59 15.27 -4.09
C VAL A 175 9.42 15.74 -4.93
N THR A 176 9.52 15.54 -6.24
CA THR A 176 8.44 15.94 -7.15
C THR A 176 8.03 14.80 -8.08
N ASN A 177 6.72 14.54 -8.13
CA ASN A 177 6.19 13.62 -9.11
C ASN A 177 5.98 14.38 -10.42
N THR A 178 6.72 14.01 -11.46
CA THR A 178 6.76 14.78 -12.69
C THR A 178 5.47 14.71 -13.49
N VAL A 179 4.71 13.63 -13.28
CA VAL A 179 3.45 13.43 -14.01
C VAL A 179 2.24 14.06 -13.32
N THR A 180 2.20 14.03 -11.99
CA THR A 180 1.12 14.70 -11.25
C THR A 180 1.52 16.11 -10.81
N ASN A 181 2.81 16.37 -10.79
CA ASN A 181 3.37 17.67 -10.39
C ASN A 181 3.21 18.02 -8.90
N HIS A 182 2.84 17.03 -8.09
CA HIS A 182 2.76 17.21 -6.64
C HIS A 182 4.15 17.07 -6.03
N LYS A 183 4.43 17.85 -4.99
CA LYS A 183 5.72 17.75 -4.32
C LYS A 183 5.53 17.45 -2.84
N VAL A 184 6.46 16.73 -2.26
CA VAL A 184 6.47 16.51 -0.81
C VAL A 184 7.87 16.79 -0.27
N LEU A 185 7.95 17.34 0.94
CA LEU A 185 9.24 17.67 1.56
C LEU A 185 9.68 16.64 2.59
N GLY A 186 10.96 16.27 2.52
CA GLY A 186 11.52 15.39 3.52
C GLY A 186 11.82 16.13 4.81
N PRO A 187 12.20 15.39 5.85
CA PRO A 187 12.64 15.98 7.12
C PRO A 187 14.00 16.66 6.94
N PRO A 188 14.20 17.82 7.56
CA PRO A 188 15.52 18.42 7.55
C PRO A 188 16.52 17.49 8.22
N THR A 189 17.66 17.29 7.60
CA THR A 189 18.73 16.59 8.27
C THR A 189 19.83 17.59 8.57
N PRO A 190 20.14 17.75 9.87
CA PRO A 190 21.20 18.63 10.37
C PRO A 190 22.60 18.07 10.12
N LEU A 191 23.46 18.88 9.52
CA LEU A 191 24.86 18.52 9.35
C LEU A 191 25.75 19.41 10.24
N ILE A 192 26.59 18.81 11.08
CA ILE A 192 27.61 19.54 11.83
C ILE A 192 29.01 18.97 11.63
N LEU A 193 30.02 19.81 11.84
CA LEU A 193 31.42 19.43 11.71
C LEU A 193 31.98 18.83 12.99
N ARG A 194 32.73 17.75 12.86
CA ARG A 194 33.54 17.25 13.97
C ARG A 194 34.53 18.33 14.41
N ASN A 195 34.82 18.42 15.70
CA ASN A 195 35.94 19.26 16.13
C ASN A 195 37.11 18.41 16.60
N ASP A 196 37.16 17.17 16.12
CA ASP A 196 38.15 16.18 16.53
C ASP A 196 39.33 16.11 15.57
N GLY A 197 39.33 16.95 14.55
CA GLY A 197 40.29 16.80 13.47
C GLY A 197 39.63 16.81 12.11
N VAL A 198 40.44 16.69 11.07
CA VAL A 198 39.95 16.78 9.71
C VAL A 198 40.33 15.55 8.89
N MET A 199 39.70 15.37 7.74
CA MET A 199 40.09 14.31 6.82
C MET A 199 41.13 14.80 5.81
N GLY A 200 42.26 14.12 5.74
CA GLY A 200 43.26 14.47 4.77
C GLY A 200 42.81 14.10 3.36
N GLU A 201 43.78 14.09 2.47
CA GLU A 201 43.57 13.90 1.06
C GLU A 201 43.50 12.41 0.70
N TYR A 202 42.71 12.09 -0.33
CA TYR A 202 42.59 10.71 -0.81
C TYR A 202 42.06 10.68 -2.25
N GLU A 203 42.44 9.64 -2.99
CA GLU A 203 42.06 9.48 -4.38
C GLU A 203 40.54 9.38 -4.59
N PRO A 204 40.06 9.73 -5.80
CA PRO A 204 38.60 9.74 -6.02
C PRO A 204 37.97 8.37 -5.83
N LYS A 205 36.75 8.38 -5.31
CA LYS A 205 35.95 7.18 -5.13
C LYS A 205 34.60 7.45 -5.75
N ILE A 206 34.33 6.78 -6.87
CA ILE A 206 33.06 6.97 -7.58
C ILE A 206 31.93 6.37 -6.77
N GLU A 207 30.93 7.19 -6.48
CA GLU A 207 29.83 6.78 -5.59
C GLU A 207 28.50 6.70 -6.32
N VAL A 208 28.36 7.48 -7.38
CA VAL A 208 27.20 7.40 -8.25
C VAL A 208 27.69 7.01 -9.61
N GLN A 209 27.12 5.96 -10.17
CA GLN A 209 27.49 5.55 -11.53
C GLN A 209 26.38 4.78 -12.23
N PHE A 210 26.40 4.84 -13.55
CA PHE A 210 25.47 4.07 -14.34
C PHE A 210 25.68 2.57 -14.12
N PRO A 211 24.61 1.80 -14.24
CA PRO A 211 24.67 0.35 -14.01
C PRO A 211 25.63 -0.33 -15.00
N GLU A 212 26.06 -1.55 -14.67
CA GLU A 212 26.99 -2.30 -15.49
C GLU A 212 26.41 -2.66 -16.87
N THR A 213 25.09 -2.70 -16.97
CA THR A 213 24.39 -2.88 -18.24
C THR A 213 23.28 -1.87 -18.29
N VAL A 214 23.28 -1.03 -19.31
CA VAL A 214 22.22 -0.04 -19.44
C VAL A 214 21.55 -0.14 -20.81
N PRO A 215 20.33 -0.72 -20.81
CA PRO A 215 19.53 -0.87 -22.03
C PRO A 215 19.23 0.50 -22.59
N ALA A 216 19.51 0.70 -23.87
CA ALA A 216 19.26 1.99 -24.51
C ALA A 216 18.33 1.83 -25.69
N GLU A 217 17.11 2.36 -25.57
CA GLU A 217 16.12 2.22 -26.64
C GLU A 217 16.42 3.14 -27.82
N LYS A 218 16.29 2.60 -29.03
CA LYS A 218 16.51 3.35 -30.25
C LYS A 218 15.70 4.63 -30.28
N GLY A 219 16.36 5.74 -30.60
CA GLY A 219 15.67 7.01 -30.76
C GLY A 219 15.39 7.79 -29.49
N THR A 220 15.85 7.29 -28.34
CA THR A 220 15.64 8.00 -27.08
C THR A 220 16.92 8.65 -26.56
N THR A 221 16.78 9.53 -25.58
CA THR A 221 17.94 10.17 -24.95
C THR A 221 18.38 9.34 -23.75
N VAL A 222 19.57 8.76 -23.86
CA VAL A 222 20.18 8.05 -22.73
C VAL A 222 20.97 9.02 -21.86
N LYS A 223 20.74 8.98 -20.54
CA LYS A 223 21.48 9.80 -19.58
C LYS A 223 22.36 8.99 -18.66
N LEU A 224 23.66 9.29 -18.66
CA LEU A 224 24.59 8.61 -17.76
C LEU A 224 24.99 9.51 -16.60
N GLU A 225 24.97 8.95 -15.40
CA GLU A 225 25.38 9.69 -14.20
C GLU A 225 26.70 9.16 -13.71
N CYS A 226 27.58 10.07 -13.32
CA CYS A 226 28.84 9.70 -12.70
C CYS A 226 29.33 10.81 -11.77
N PHE A 227 29.68 10.44 -10.54
CA PHE A 227 30.16 11.41 -9.57
C PHE A 227 30.93 10.73 -8.47
N ALA A 228 32.05 11.35 -8.10
CA ALA A 228 32.99 10.77 -7.15
C ALA A 228 33.21 11.70 -5.96
N LEU A 229 33.36 11.08 -4.80
CA LEU A 229 33.84 11.73 -3.58
C LEU A 229 35.35 11.75 -3.60
N GLY A 230 35.96 12.82 -3.11
CA GLY A 230 37.41 12.87 -3.06
C GLY A 230 37.97 14.21 -2.60
N ASN A 231 39.23 14.20 -2.20
CA ASN A 231 39.89 15.37 -1.65
C ASN A 231 41.33 15.39 -2.15
N PRO A 232 41.65 16.36 -3.04
CA PRO A 232 40.78 17.44 -3.52
C PRO A 232 39.61 16.93 -4.36
N VAL A 233 38.65 17.80 -4.65
CA VAL A 233 37.46 17.36 -5.37
C VAL A 233 37.78 17.00 -6.81
N PRO A 234 37.37 15.79 -7.20
CA PRO A 234 37.75 15.22 -8.49
C PRO A 234 37.18 15.98 -9.66
N THR A 235 37.81 15.85 -10.82
CA THR A 235 37.21 16.24 -12.10
C THR A 235 36.66 14.96 -12.71
N ILE A 236 35.57 15.09 -13.48
CA ILE A 236 34.97 13.97 -14.20
C ILE A 236 35.23 14.05 -15.71
N LEU A 237 35.50 12.90 -16.32
CA LEU A 237 35.69 12.85 -17.77
C LEU A 237 35.07 11.58 -18.37
N TRP A 238 34.49 11.70 -19.56
CA TRP A 238 33.85 10.56 -20.24
C TRP A 238 34.58 10.14 -21.50
N ARG A 239 34.63 8.84 -21.74
CA ARG A 239 35.29 8.30 -22.91
C ARG A 239 34.73 6.90 -23.16
N ARG A 240 35.00 6.34 -24.36
CA ARG A 240 34.53 5.00 -24.72
C ARG A 240 35.66 3.99 -24.61
N ALA A 241 35.35 2.83 -24.06
CA ALA A 241 36.37 1.85 -23.68
C ALA A 241 37.04 1.15 -24.87
N ASP A 242 36.52 1.39 -26.08
CA ASP A 242 37.10 0.83 -27.29
C ASP A 242 37.66 1.95 -28.17
N GLY A 243 37.88 3.11 -27.58
CA GLY A 243 38.56 4.20 -28.26
C GLY A 243 37.70 4.97 -29.24
N LYS A 244 36.46 4.55 -29.43
CA LYS A 244 35.56 5.24 -30.32
C LYS A 244 35.24 6.61 -29.75
N PRO A 245 35.32 7.65 -30.58
CA PRO A 245 34.85 8.98 -30.22
C PRO A 245 33.41 8.96 -29.72
N ILE A 246 33.14 9.66 -28.62
CA ILE A 246 31.78 9.94 -28.20
C ILE A 246 31.16 10.77 -29.32
N ALA A 247 29.87 10.61 -29.55
CA ALA A 247 29.22 11.36 -30.62
C ALA A 247 29.26 12.85 -30.34
N ARG A 248 29.36 13.66 -31.39
CA ARG A 248 29.35 15.11 -31.24
C ARG A 248 28.01 15.62 -30.74
N LYS A 249 26.97 14.81 -30.93
CA LYS A 249 25.63 15.22 -30.51
C LYS A 249 25.47 15.08 -29.00
N ALA A 250 26.37 14.32 -28.39
CA ALA A 250 26.35 14.13 -26.93
C ALA A 250 26.70 15.44 -26.23
N ARG A 251 25.93 15.78 -25.21
CA ARG A 251 26.21 16.93 -24.36
C ARG A 251 26.57 16.48 -22.95
N ARG A 252 27.24 17.35 -22.19
CA ARG A 252 27.54 17.04 -20.79
C ARG A 252 26.94 18.13 -19.89
N HIS A 253 26.40 17.72 -18.75
CA HIS A 253 25.78 18.68 -17.84
C HIS A 253 26.26 18.51 -16.41
N LYS A 254 25.89 19.46 -15.57
CA LYS A 254 26.21 19.39 -14.14
C LYS A 254 27.69 19.09 -13.91
N SER A 255 28.54 20.02 -14.34
CA SER A 255 29.97 19.91 -14.17
C SER A 255 30.45 18.49 -14.52
N ASN A 256 29.91 17.98 -15.63
CA ASN A 256 30.29 16.69 -16.20
C ASN A 256 29.82 15.45 -15.45
N GLY A 257 28.97 15.62 -14.44
CA GLY A 257 28.40 14.47 -13.78
C GLY A 257 27.46 13.70 -14.70
N ILE A 258 27.02 14.33 -15.77
CA ILE A 258 26.02 13.73 -16.64
C ILE A 258 26.41 13.78 -18.11
N LEU A 259 26.35 12.61 -18.76
CA LEU A 259 26.51 12.52 -20.20
C LEU A 259 25.15 12.16 -20.82
N GLU A 260 24.66 13.05 -21.67
CA GLU A 260 23.43 12.83 -22.41
C GLU A 260 23.72 12.40 -23.83
N ILE A 261 23.13 11.29 -24.24
CA ILE A 261 23.21 10.88 -25.64
C ILE A 261 21.80 10.89 -26.24
N PRO A 262 21.51 11.90 -27.07
CA PRO A 262 20.21 12.10 -27.70
C PRO A 262 20.04 11.14 -28.86
N ASN A 263 18.79 10.82 -29.21
CA ASN A 263 18.51 9.99 -30.40
C ASN A 263 19.49 8.83 -30.54
N PHE A 264 19.46 7.89 -29.60
CA PHE A 264 20.40 6.78 -29.54
C PHE A 264 20.31 5.86 -30.77
N GLN A 265 21.45 5.47 -31.31
CA GLN A 265 21.48 4.60 -32.47
C GLN A 265 22.53 3.51 -32.28
N GLN A 266 22.49 2.50 -33.12
CA GLN A 266 23.38 1.35 -33.00
C GLN A 266 24.85 1.76 -32.86
N GLU A 267 25.24 2.82 -33.55
CA GLU A 267 26.65 3.22 -33.59
C GLU A 267 27.11 3.73 -32.23
N ASP A 268 26.14 4.13 -31.40
CA ASP A 268 26.40 4.72 -30.10
C ASP A 268 26.50 3.67 -29.01
N ALA A 269 26.22 2.42 -29.36
CA ALA A 269 26.27 1.36 -28.37
C ALA A 269 27.72 1.00 -28.03
N GLY A 270 27.92 0.42 -26.86
CA GLY A 270 29.25 -0.05 -26.52
C GLY A 270 29.61 0.18 -25.06
N SER A 271 30.88 -0.06 -24.75
CA SER A 271 31.39 0.12 -23.40
C SER A 271 31.73 1.59 -23.16
N TYR A 272 31.11 2.19 -22.16
CA TYR A 272 31.39 3.60 -21.79
C TYR A 272 32.09 3.69 -20.45
N GLU A 273 33.01 4.63 -20.33
CA GLU A 273 33.72 4.82 -19.08
C GLU A 273 33.62 6.24 -18.57
N CYS A 274 33.54 6.39 -17.26
CA CYS A 274 33.76 7.69 -16.66
C CYS A 274 35.00 7.64 -15.77
N VAL A 275 35.77 8.72 -15.81
CA VAL A 275 37.05 8.79 -15.12
C VAL A 275 37.03 9.90 -14.07
N ALA A 276 37.29 9.53 -12.82
CA ALA A 276 37.37 10.53 -11.75
C ALA A 276 38.83 10.71 -11.34
N GLU A 277 39.29 11.94 -11.37
CA GLU A 277 40.68 12.21 -11.09
C GLU A 277 40.85 13.38 -10.15
N ASN A 278 41.77 13.20 -9.22
CA ASN A 278 42.34 14.33 -8.50
C ASN A 278 43.85 14.12 -8.35
N SER A 279 44.51 15.00 -7.58
CA SER A 279 45.97 14.97 -7.46
C SER A 279 46.49 13.68 -6.84
N ARG A 280 45.60 12.93 -6.20
CA ARG A 280 45.99 11.76 -5.44
C ARG A 280 45.77 10.46 -6.23
N GLY A 281 45.23 10.59 -7.44
CA GLY A 281 44.99 9.41 -8.26
C GLY A 281 43.70 9.45 -9.04
N LYS A 282 43.29 8.29 -9.52
CA LYS A 282 42.12 8.22 -10.38
C LYS A 282 41.31 6.93 -10.22
N ASN A 283 40.02 7.03 -10.52
CA ASN A 283 39.10 5.93 -10.37
C ASN A 283 38.25 5.84 -11.65
N VAL A 284 38.02 4.61 -12.13
CA VAL A 284 37.29 4.40 -13.38
C VAL A 284 36.04 3.53 -13.19
N ALA A 285 34.92 4.02 -13.70
CA ALA A 285 33.67 3.25 -13.73
C ALA A 285 33.32 2.93 -15.17
N LYS A 286 32.89 1.71 -15.42
CA LYS A 286 32.51 1.34 -16.77
C LYS A 286 31.19 0.56 -16.83
N GLY A 287 30.50 0.69 -17.96
CA GLY A 287 29.26 -0.02 -18.19
C GLY A 287 28.97 -0.15 -19.66
N GLN A 288 28.07 -1.08 -20.00
CA GLN A 288 27.74 -1.39 -21.39
C GLN A 288 26.39 -0.81 -21.80
N LEU A 289 26.41 0.16 -22.72
CA LEU A 289 25.18 0.66 -23.33
C LEU A 289 24.74 -0.34 -24.40
N THR A 290 23.67 -1.09 -24.13
CA THR A 290 23.18 -2.12 -25.04
C THR A 290 21.94 -1.67 -25.80
N PHE A 291 22.07 -1.61 -27.12
CA PHE A 291 21.00 -1.12 -28.01
C PHE A 291 19.83 -2.10 -28.12
N TYR A 292 18.61 -1.60 -27.97
CA TYR A 292 17.42 -2.40 -28.25
C TYR A 292 16.30 -1.59 -28.93
N ALA A 293 15.40 -2.29 -29.60
CA ALA A 293 14.30 -1.65 -30.35
C ALA A 293 13.03 -2.50 -30.29
N GLN A 294 11.90 -1.85 -30.01
CA GLN A 294 10.61 -2.53 -30.09
C GLN A 294 10.31 -2.96 -31.53
N PRO A 295 9.48 -4.01 -31.69
CA PRO A 295 9.17 -4.49 -33.05
C PRO A 295 8.59 -3.39 -33.94
N ASN A 296 8.86 -3.50 -35.24
CA ASN A 296 8.31 -2.59 -36.24
C ASN A 296 8.01 -3.39 -37.51
N TRP A 297 6.83 -3.17 -38.09
CA TRP A 297 6.45 -3.94 -39.27
C TRP A 297 7.29 -3.60 -40.48
N VAL A 298 7.92 -4.62 -41.07
CA VAL A 298 8.54 -4.51 -42.38
C VAL A 298 7.56 -4.99 -43.45
N GLN A 299 7.09 -6.22 -43.29
CA GLN A 299 6.09 -6.79 -44.19
C GLN A 299 4.89 -7.24 -43.36
N ILE A 300 3.71 -6.70 -43.66
CA ILE A 300 2.48 -7.07 -42.97
C ILE A 300 1.61 -7.96 -43.85
N ILE A 301 0.68 -8.66 -43.24
CA ILE A 301 -0.34 -9.40 -44.00
C ILE A 301 -1.37 -8.41 -44.53
N ASN A 302 -1.95 -8.75 -45.69
CA ASN A 302 -2.97 -7.92 -46.29
C ASN A 302 -4.17 -8.75 -46.73
N ASP A 303 -5.31 -8.09 -46.90
CA ASP A 303 -6.53 -8.74 -47.36
C ASP A 303 -6.27 -9.66 -48.54
N ILE A 304 -6.94 -10.80 -48.54
CA ILE A 304 -6.79 -11.81 -49.58
C ILE A 304 -8.13 -12.42 -49.96
N HIS A 305 -8.39 -12.50 -51.26
CA HIS A 305 -9.56 -13.21 -51.79
C HIS A 305 -9.05 -14.45 -52.51
N VAL A 306 -9.70 -15.59 -52.25
CA VAL A 306 -9.36 -16.82 -52.97
C VAL A 306 -10.61 -17.60 -53.34
N ALA A 307 -10.50 -18.37 -54.41
CA ALA A 307 -11.59 -19.24 -54.86
C ALA A 307 -11.72 -20.43 -53.92
N MET A 308 -12.81 -21.16 -54.07
CA MET A 308 -13.27 -22.12 -53.05
C MET A 308 -12.25 -23.17 -52.59
N GLU A 309 -11.58 -23.84 -53.51
CA GLU A 309 -10.72 -24.96 -53.12
C GLU A 309 -9.23 -24.69 -53.28
N GLU A 310 -8.88 -23.43 -53.57
CA GLU A 310 -7.48 -23.08 -53.81
C GLU A 310 -6.72 -22.71 -52.54
N SER A 311 -5.45 -22.35 -52.72
CA SER A 311 -4.52 -22.19 -51.61
C SER A 311 -4.21 -20.73 -51.29
N VAL A 312 -3.73 -20.49 -50.07
CA VAL A 312 -3.33 -19.14 -49.64
C VAL A 312 -2.01 -19.17 -48.87
N PHE A 313 -1.27 -18.07 -48.94
CA PHE A 313 -0.03 -17.96 -48.21
C PHE A 313 0.22 -16.54 -47.68
N TRP A 314 0.48 -16.46 -46.37
CA TRP A 314 0.75 -15.19 -45.71
C TRP A 314 2.10 -15.19 -45.03
N GLU A 315 2.82 -14.08 -45.10
CA GLU A 315 4.03 -13.94 -44.30
C GLU A 315 4.07 -12.62 -43.54
N CYS A 316 4.53 -12.69 -42.29
CA CYS A 316 4.75 -11.53 -41.44
C CYS A 316 6.25 -11.31 -41.30
N LYS A 317 6.70 -10.06 -41.37
CA LYS A 317 8.10 -9.73 -41.07
C LYS A 317 8.21 -8.47 -40.21
N ALA A 318 8.89 -8.57 -39.08
CA ALA A 318 9.09 -7.42 -38.22
C ALA A 318 10.56 -7.26 -37.83
N ASN A 319 11.02 -6.02 -37.84
CA ASN A 319 12.34 -5.70 -37.32
C ASN A 319 12.25 -5.45 -35.82
N GLY A 320 13.40 -5.43 -35.16
CA GLY A 320 13.45 -5.19 -33.72
C GLY A 320 14.72 -5.74 -33.11
N ARG A 321 14.86 -5.63 -31.79
CA ARG A 321 16.08 -6.08 -31.12
C ARG A 321 15.84 -6.35 -29.64
N PRO A 322 15.95 -7.62 -29.23
CA PRO A 322 16.22 -8.81 -30.05
C PRO A 322 15.27 -8.95 -31.24
N LYS A 323 15.60 -9.84 -32.16
CA LYS A 323 14.71 -10.15 -33.27
C LYS A 323 13.39 -10.65 -32.69
N PRO A 324 12.28 -10.13 -33.23
CA PRO A 324 10.90 -10.44 -32.84
C PRO A 324 10.49 -11.89 -33.09
N THR A 325 9.44 -12.31 -32.38
CA THR A 325 8.86 -13.65 -32.49
C THR A 325 7.36 -13.57 -32.87
N TYR A 326 6.85 -14.61 -33.53
CA TYR A 326 5.55 -14.51 -34.21
C TYR A 326 4.49 -15.51 -33.73
N ARG A 327 3.31 -15.00 -33.40
CA ARG A 327 2.16 -15.87 -33.14
C ARG A 327 0.95 -15.42 -33.96
N TRP A 328 -0.03 -16.31 -34.14
CA TRP A 328 -1.16 -16.03 -35.02
C TRP A 328 -2.52 -16.11 -34.32
N LEU A 329 -3.50 -15.42 -34.89
CA LEU A 329 -4.85 -15.35 -34.33
C LEU A 329 -5.91 -15.46 -35.42
N LYS A 330 -7.00 -16.15 -35.11
CA LYS A 330 -8.19 -16.13 -35.96
C LYS A 330 -9.40 -15.65 -35.17
N ASN A 331 -9.95 -14.49 -35.56
CA ASN A 331 -11.16 -13.97 -34.95
C ASN A 331 -11.01 -13.74 -33.45
N GLY A 332 -9.79 -13.41 -33.03
CA GLY A 332 -9.52 -13.07 -31.64
C GLY A 332 -9.07 -14.24 -30.79
N ASP A 333 -8.97 -15.43 -31.40
CA ASP A 333 -8.58 -16.62 -30.67
C ASP A 333 -7.25 -17.17 -31.18
N PRO A 334 -6.40 -17.62 -30.25
CA PRO A 334 -5.10 -18.23 -30.60
C PRO A 334 -5.24 -19.30 -31.68
N LEU A 335 -4.48 -19.13 -32.75
CA LEU A 335 -4.55 -20.04 -33.89
C LEU A 335 -3.23 -20.81 -34.04
N LEU A 336 -3.28 -22.12 -33.79
CA LEU A 336 -2.08 -22.95 -33.95
C LEU A 336 -2.26 -23.94 -35.10
N THR A 337 -1.14 -24.51 -35.56
CA THR A 337 -1.13 -25.33 -36.76
C THR A 337 -1.95 -26.63 -36.69
N ARG A 338 -2.72 -26.88 -37.74
CA ARG A 338 -3.47 -28.12 -37.90
C ARG A 338 -3.44 -28.54 -39.36
N ASP A 339 -4.62 -28.90 -39.87
CA ASP A 339 -4.79 -29.24 -41.28
C ASP A 339 -6.09 -28.61 -41.76
N ARG A 340 -6.07 -27.99 -42.93
CA ARG A 340 -4.88 -27.94 -43.78
C ARG A 340 -4.06 -26.68 -43.47
N ILE A 341 -4.08 -26.29 -42.21
CA ILE A 341 -3.45 -25.05 -41.77
C ILE A 341 -2.04 -25.28 -41.23
N GLN A 342 -1.05 -24.88 -42.01
CA GLN A 342 0.34 -25.04 -41.61
C GLN A 342 0.95 -23.71 -41.20
N ILE A 343 1.13 -23.50 -39.89
CA ILE A 343 1.72 -22.26 -39.41
C ILE A 343 3.11 -22.44 -38.80
N GLU A 344 4.12 -21.90 -39.47
CA GLU A 344 5.48 -21.90 -38.95
C GLU A 344 6.03 -20.48 -38.78
N GLN A 345 6.11 -20.05 -37.51
CA GLN A 345 6.64 -18.73 -37.18
C GLN A 345 5.81 -17.62 -37.82
N GLY A 346 6.42 -16.86 -38.72
CA GLY A 346 5.74 -15.74 -39.36
C GLY A 346 5.06 -16.11 -40.66
N THR A 347 4.69 -17.38 -40.80
CA THR A 347 4.07 -17.86 -42.03
C THR A 347 2.82 -18.69 -41.78
N LEU A 348 1.80 -18.44 -42.58
CA LEU A 348 0.55 -19.20 -42.50
C LEU A 348 0.29 -19.81 -43.86
N ASN A 349 -0.06 -21.11 -43.86
CA ASN A 349 -0.25 -21.85 -45.10
C ASN A 349 -1.52 -22.68 -45.08
N ILE A 350 -2.48 -22.31 -45.93
CA ILE A 350 -3.67 -23.13 -46.12
C ILE A 350 -3.57 -23.86 -47.46
N THR A 351 -3.40 -25.18 -47.40
CA THR A 351 -3.25 -25.98 -48.61
C THR A 351 -4.51 -25.99 -49.47
N ILE A 352 -5.65 -26.24 -48.84
CA ILE A 352 -6.95 -26.16 -49.52
C ILE A 352 -7.94 -25.41 -48.63
N VAL A 353 -8.78 -24.59 -49.25
CA VAL A 353 -9.64 -23.69 -48.50
C VAL A 353 -11.10 -24.12 -48.54
N ASN A 354 -11.83 -23.81 -47.46
CA ASN A 354 -13.27 -24.01 -47.43
C ASN A 354 -13.97 -22.80 -46.81
N LEU A 355 -15.27 -22.66 -47.07
CA LEU A 355 -16.03 -21.52 -46.58
C LEU A 355 -15.77 -21.24 -45.11
N SER A 356 -15.43 -22.30 -44.37
CA SER A 356 -15.21 -22.21 -42.93
C SER A 356 -14.04 -21.29 -42.59
N ASP A 357 -13.10 -21.17 -43.52
CA ASP A 357 -11.86 -20.45 -43.27
C ASP A 357 -12.03 -18.92 -43.30
N ALA A 358 -12.89 -18.44 -44.19
CA ALA A 358 -13.19 -17.01 -44.28
C ALA A 358 -13.27 -16.37 -42.90
N GLY A 359 -12.57 -15.25 -42.72
CA GLY A 359 -12.55 -14.59 -41.43
C GLY A 359 -11.40 -13.61 -41.23
N MET A 360 -11.26 -13.13 -40.00
CA MET A 360 -10.22 -12.18 -39.66
C MET A 360 -9.02 -12.89 -39.09
N TYR A 361 -7.83 -12.54 -39.59
CA TYR A 361 -6.59 -13.11 -39.07
C TYR A 361 -5.63 -12.02 -38.60
N GLN A 362 -4.73 -12.40 -37.70
CA GLN A 362 -3.82 -11.45 -37.10
C GLN A 362 -2.46 -12.08 -36.84
N CYS A 363 -1.40 -11.39 -37.28
CA CYS A 363 -0.04 -11.79 -36.98
C CYS A 363 0.48 -10.87 -35.89
N VAL A 364 0.97 -11.46 -34.81
CA VAL A 364 1.50 -10.70 -33.71
C VAL A 364 3.00 -10.90 -33.61
N ALA A 365 3.74 -9.79 -33.56
CA ALA A 365 5.19 -9.83 -33.47
C ALA A 365 5.62 -9.26 -32.12
N GLU A 366 6.53 -9.93 -31.44
CA GLU A 366 6.90 -9.54 -30.08
C GLU A 366 8.37 -9.81 -29.76
N ASN A 367 8.95 -8.92 -28.98
CA ASN A 367 10.20 -9.19 -28.27
C ASN A 367 10.03 -8.72 -26.84
N LYS A 368 11.00 -9.02 -25.97
CA LYS A 368 10.82 -8.73 -24.55
C LYS A 368 10.57 -7.25 -24.28
N HIS A 369 10.71 -6.42 -25.32
CA HIS A 369 10.48 -4.98 -25.18
C HIS A 369 9.12 -4.51 -25.71
N GLY A 370 8.52 -5.26 -26.62
CA GLY A 370 7.25 -4.83 -27.19
C GLY A 370 6.49 -5.84 -28.04
N VAL A 371 5.21 -5.58 -28.21
CA VAL A 371 4.35 -6.37 -29.09
C VAL A 371 3.65 -5.47 -30.12
N ILE A 372 3.46 -6.02 -31.32
CA ILE A 372 2.72 -5.30 -32.36
C ILE A 372 1.72 -6.23 -33.04
N PHE A 373 0.59 -5.66 -33.44
CA PHE A 373 -0.49 -6.43 -34.04
C PHE A 373 -0.75 -6.00 -35.49
N SER A 374 -1.00 -6.98 -36.35
CA SER A 374 -1.46 -6.70 -37.71
C SER A 374 -2.64 -7.60 -38.03
N SER A 375 -3.56 -7.11 -38.86
CA SER A 375 -4.76 -7.88 -39.18
C SER A 375 -5.18 -7.78 -40.64
N ALA A 376 -5.78 -8.85 -41.15
CA ALA A 376 -6.30 -8.85 -42.50
C ALA A 376 -7.50 -9.77 -42.61
N GLU A 377 -8.37 -9.49 -43.58
CA GLU A 377 -9.52 -10.34 -43.81
C GLU A 377 -9.20 -11.41 -44.86
N LEU A 378 -9.79 -12.57 -44.68
CA LEU A 378 -9.73 -13.63 -45.69
C LEU A 378 -11.15 -13.95 -46.14
N SER A 379 -11.49 -13.55 -47.36
CA SER A 379 -12.81 -13.87 -47.90
C SER A 379 -12.70 -14.95 -48.98
N VAL A 380 -13.64 -15.88 -48.99
CA VAL A 380 -13.65 -16.96 -49.98
C VAL A 380 -14.85 -16.86 -50.92
N ILE A 381 -14.56 -16.99 -52.22
CA ILE A 381 -15.56 -16.73 -53.25
C ILE A 381 -16.48 -17.92 -53.50
N ALA A 382 -17.78 -17.66 -53.59
CA ALA A 382 -18.77 -18.68 -53.88
C ALA A 382 -18.46 -19.36 -55.22
N PRO B 1 24.03 -0.70 -5.86
CA PRO B 1 22.85 -1.13 -6.61
C PRO B 1 22.02 -2.09 -5.77
N GLY B 2 22.68 -2.75 -4.83
CA GLY B 2 22.02 -3.66 -3.92
C GLY B 2 21.45 -2.90 -2.73
N SER B 3 20.26 -3.31 -2.30
CA SER B 3 19.61 -2.68 -1.16
C SER B 3 19.10 -3.74 -0.19
N GLY B 4 19.34 -3.52 1.09
CA GLY B 4 18.81 -4.40 2.11
C GLY B 4 17.29 -4.45 2.08
N PRO B 5 16.68 -5.28 2.94
CA PRO B 5 15.24 -5.49 2.96
C PRO B 5 14.47 -4.24 3.37
N VAL B 6 13.32 -4.01 2.73
CA VAL B 6 12.41 -2.95 3.12
C VAL B 6 10.96 -3.44 2.97
N PHE B 7 10.19 -3.35 4.04
CA PHE B 7 8.80 -3.78 4.01
C PHE B 7 7.95 -2.86 3.15
N VAL B 8 7.26 -3.45 2.19
CA VAL B 8 6.27 -2.74 1.39
C VAL B 8 4.93 -2.82 2.11
N GLN B 9 4.57 -4.03 2.53
CA GLN B 9 3.36 -4.24 3.31
C GLN B 9 3.62 -5.19 4.48
N GLU B 10 3.24 -4.78 5.67
CA GLU B 10 3.49 -5.59 6.87
C GLU B 10 2.24 -6.36 7.34
N PRO B 11 2.46 -7.37 8.20
CA PRO B 11 1.37 -8.19 8.73
C PRO B 11 0.34 -7.37 9.48
N SER B 12 -0.93 -7.52 9.11
CA SER B 12 -2.03 -6.81 9.76
C SER B 12 -2.89 -7.78 10.55
N HIS B 13 -3.42 -7.32 11.67
CA HIS B 13 -4.31 -8.13 12.51
C HIS B 13 -5.45 -8.67 11.67
N VAL B 14 -5.76 -9.95 11.84
CA VAL B 14 -6.82 -10.60 11.08
C VAL B 14 -7.77 -11.33 12.01
N MET B 15 -9.07 -11.11 11.85
CA MET B 15 -10.06 -11.92 12.55
C MET B 15 -10.83 -12.76 11.53
N PHE B 16 -10.69 -14.07 11.66
CA PHE B 16 -11.22 -15.01 10.68
C PHE B 16 -12.49 -15.73 11.19
N PRO B 17 -13.52 -15.81 10.32
CA PRO B 17 -14.80 -16.45 10.62
C PRO B 17 -14.66 -17.96 10.75
N LEU B 18 -14.82 -18.47 11.97
CA LEU B 18 -14.65 -19.91 12.21
C LEU B 18 -15.68 -20.72 11.41
N ASP B 19 -16.87 -20.17 11.24
CA ASP B 19 -17.90 -20.80 10.44
C ASP B 19 -18.00 -20.14 9.05
N SER B 20 -16.88 -20.17 8.33
CA SER B 20 -16.81 -19.51 7.03
C SER B 20 -16.85 -20.51 5.88
N GLU B 21 -16.90 -19.98 4.66
CA GLU B 21 -16.83 -20.81 3.46
C GLU B 21 -15.39 -21.06 3.07
N GLU B 22 -14.52 -20.11 3.39
CA GLU B 22 -13.12 -20.20 2.99
C GLU B 22 -12.27 -21.02 3.96
N LYS B 23 -11.53 -21.96 3.39
CA LYS B 23 -10.67 -22.85 4.15
C LYS B 23 -9.37 -22.16 4.53
N LYS B 24 -9.14 -20.98 3.98
CA LYS B 24 -7.85 -20.32 4.15
C LYS B 24 -7.93 -18.86 4.59
N VAL B 25 -6.93 -18.45 5.36
CA VAL B 25 -6.73 -17.05 5.71
C VAL B 25 -5.33 -16.66 5.24
N LYS B 26 -5.14 -15.37 4.98
CA LYS B 26 -3.83 -14.88 4.52
C LYS B 26 -3.24 -13.83 5.47
N LEU B 27 -1.97 -14.03 5.83
CA LEU B 27 -1.22 -13.02 6.55
C LEU B 27 -0.23 -12.36 5.59
N SER B 28 -0.43 -11.07 5.35
CA SER B 28 0.32 -10.36 4.31
C SER B 28 1.67 -9.82 4.79
N CYS B 29 2.67 -9.93 3.93
CA CYS B 29 4.01 -9.42 4.23
C CYS B 29 4.82 -9.28 2.95
N GLU B 30 4.82 -8.06 2.39
CA GLU B 30 5.46 -7.79 1.12
C GLU B 30 6.80 -7.10 1.31
N VAL B 31 7.83 -7.61 0.66
CA VAL B 31 9.18 -7.09 0.87
C VAL B 31 9.90 -6.75 -0.42
N LYS B 32 10.42 -5.52 -0.47
CA LYS B 32 11.25 -5.04 -1.55
C LYS B 32 12.72 -5.13 -1.13
N GLY B 33 13.60 -5.42 -2.09
CA GLY B 33 15.02 -5.53 -1.81
C GLY B 33 15.80 -6.03 -3.00
N ASN B 34 17.12 -5.89 -2.93
CA ASN B 34 18.00 -6.40 -3.97
C ASN B 34 19.32 -6.90 -3.38
N PRO B 35 19.54 -8.23 -3.39
CA PRO B 35 18.69 -9.26 -4.01
C PRO B 35 17.30 -9.36 -3.36
N LYS B 36 16.42 -10.12 -3.99
CA LYS B 36 15.11 -10.39 -3.44
C LYS B 36 15.29 -11.15 -2.13
N PRO B 37 14.73 -10.60 -1.04
CA PRO B 37 14.93 -11.16 0.31
C PRO B 37 14.16 -12.46 0.55
N HIS B 38 14.78 -13.36 1.29
CA HIS B 38 14.12 -14.59 1.74
C HIS B 38 13.22 -14.24 2.91
N ILE B 39 12.11 -14.95 3.05
CA ILE B 39 11.15 -14.63 4.11
C ILE B 39 10.80 -15.84 4.98
N ARG B 40 10.66 -15.61 6.28
CA ARG B 40 10.24 -16.66 7.20
C ARG B 40 9.33 -16.08 8.28
N TRP B 41 8.51 -16.93 8.89
CA TRP B 41 7.49 -16.48 9.83
C TRP B 41 7.66 -17.03 11.24
N LYS B 42 7.24 -16.24 12.23
CA LYS B 42 7.26 -16.65 13.63
C LYS B 42 5.87 -16.63 14.25
N LEU B 43 5.57 -17.63 15.08
CA LEU B 43 4.31 -17.70 15.81
C LEU B 43 4.56 -17.69 17.30
N ASN B 44 3.99 -16.69 17.98
CA ASN B 44 4.18 -16.53 19.43
C ASN B 44 5.64 -16.65 19.82
N GLY B 45 6.54 -16.22 18.94
CA GLY B 45 7.97 -16.23 19.22
C GLY B 45 8.76 -17.27 18.45
N THR B 46 8.24 -18.49 18.36
CA THR B 46 8.96 -19.59 17.72
C THR B 46 8.79 -19.63 16.20
N ASP B 47 9.72 -20.28 15.53
CA ASP B 47 9.71 -20.36 14.07
C ASP B 47 8.61 -21.27 13.54
N VAL B 48 8.11 -20.94 12.36
CA VAL B 48 7.06 -21.74 11.70
C VAL B 48 7.66 -22.64 10.63
N ASP B 49 7.72 -23.95 10.91
CA ASP B 49 8.27 -24.91 9.95
C ASP B 49 7.22 -25.28 8.89
N ILE B 50 7.35 -24.65 7.72
CA ILE B 50 6.37 -24.82 6.64
C ILE B 50 6.25 -26.26 6.15
N GLY B 51 7.37 -26.80 5.66
CA GLY B 51 7.39 -28.11 5.04
C GLY B 51 6.70 -29.21 5.82
N MET B 52 7.01 -29.31 7.12
CA MET B 52 6.43 -30.34 7.96
C MET B 52 5.90 -29.76 9.28
N ASP B 53 4.59 -29.55 9.35
CA ASP B 53 3.68 -29.86 8.25
C ASP B 53 2.25 -29.36 8.45
N PHE B 54 1.72 -28.71 7.43
CA PHE B 54 0.27 -28.54 7.27
C PHE B 54 0.07 -28.25 5.80
N ARG B 55 -0.99 -27.51 5.49
CA ARG B 55 -1.09 -26.88 4.19
C ARG B 55 -0.64 -25.42 4.33
N TYR B 56 0.23 -25.19 5.31
CA TYR B 56 0.94 -23.93 5.38
C TYR B 56 1.50 -23.67 4.00
N SER B 57 1.14 -22.56 3.41
CA SER B 57 1.67 -22.19 2.11
C SER B 57 2.16 -20.75 2.15
N VAL B 58 3.46 -20.56 1.95
CA VAL B 58 4.01 -19.22 1.90
C VAL B 58 4.34 -18.84 0.46
N VAL B 59 3.57 -17.89 -0.08
CA VAL B 59 3.73 -17.45 -1.46
C VAL B 59 3.78 -15.94 -1.56
N ASP B 60 4.87 -15.43 -2.14
CA ASP B 60 5.10 -13.99 -2.24
C ASP B 60 5.33 -13.40 -0.85
N GLY B 61 5.87 -14.22 0.05
CA GLY B 61 6.13 -13.80 1.41
C GLY B 61 4.94 -13.95 2.33
N SER B 62 3.74 -13.91 1.76
CA SER B 62 2.50 -14.01 2.53
C SER B 62 2.22 -15.43 3.01
N LEU B 63 1.85 -15.54 4.28
CA LEU B 63 1.55 -16.83 4.89
C LEU B 63 0.09 -17.21 4.69
N LEU B 64 -0.15 -18.19 3.85
CA LEU B 64 -1.49 -18.72 3.64
C LEU B 64 -1.67 -19.98 4.47
N ILE B 65 -2.74 -20.01 5.26
CA ILE B 65 -3.02 -21.17 6.11
C ILE B 65 -4.33 -21.84 5.68
N ASN B 66 -4.26 -23.14 5.37
CA ASN B 66 -5.46 -23.90 5.03
C ASN B 66 -5.97 -24.72 6.21
N ASN B 67 -7.28 -24.66 6.43
CA ASN B 67 -7.93 -25.33 7.56
C ASN B 67 -7.51 -24.71 8.89
N PRO B 68 -7.89 -23.44 9.11
CA PRO B 68 -7.47 -22.72 10.33
C PRO B 68 -8.04 -23.36 11.59
N ASN B 69 -7.15 -23.62 12.55
CA ASN B 69 -7.50 -24.32 13.78
C ASN B 69 -7.08 -23.50 14.99
N LYS B 70 -8.06 -22.93 15.70
CA LYS B 70 -7.77 -22.00 16.79
C LYS B 70 -6.70 -22.48 17.77
N THR B 71 -6.66 -23.78 18.03
CA THR B 71 -5.75 -24.32 19.02
C THR B 71 -4.29 -24.26 18.55
N GLN B 72 -4.08 -24.40 17.25
CA GLN B 72 -2.74 -24.35 16.68
C GLN B 72 -2.40 -22.97 16.12
N ASP B 73 -3.36 -22.39 15.39
CA ASP B 73 -3.08 -21.23 14.54
C ASP B 73 -3.37 -19.86 15.16
N ALA B 74 -4.10 -19.82 16.27
CA ALA B 74 -4.36 -18.55 16.93
C ALA B 74 -3.11 -18.00 17.60
N GLY B 75 -2.89 -16.69 17.49
CA GLY B 75 -1.77 -16.09 18.18
C GLY B 75 -1.13 -14.92 17.46
N THR B 76 0.08 -14.57 17.90
CA THR B 76 0.79 -13.41 17.39
C THR B 76 1.84 -13.80 16.35
N TYR B 77 1.64 -13.33 15.12
CA TYR B 77 2.52 -13.66 14.02
C TYR B 77 3.52 -12.55 13.72
N GLN B 78 4.70 -12.94 13.24
CA GLN B 78 5.74 -11.99 12.89
C GLN B 78 6.51 -12.44 11.65
N CYS B 79 6.75 -11.50 10.75
CA CYS B 79 7.44 -11.78 9.49
C CYS B 79 8.92 -11.35 9.50
N ILE B 80 9.80 -12.20 8.98
CA ILE B 80 11.23 -11.94 9.01
C ILE B 80 11.84 -11.93 7.60
N ALA B 81 12.45 -10.81 7.21
CA ALA B 81 13.04 -10.67 5.88
C ALA B 81 14.56 -10.64 5.95
N THR B 82 15.21 -11.46 5.13
CA THR B 82 16.67 -11.55 5.16
C THR B 82 17.31 -11.40 3.77
N ASN B 83 18.48 -10.78 3.78
CA ASN B 83 19.20 -10.43 2.57
C ASN B 83 20.68 -10.68 2.81
N SER B 84 21.50 -10.51 1.78
CA SER B 84 22.94 -10.53 1.97
C SER B 84 23.37 -9.27 2.73
N PHE B 85 22.47 -8.30 2.80
CA PHE B 85 22.75 -7.02 3.45
C PHE B 85 22.30 -7.00 4.90
N GLY B 86 21.55 -8.02 5.31
CA GLY B 86 21.07 -8.10 6.68
C GLY B 86 19.62 -8.54 6.73
N THR B 87 19.08 -8.57 7.95
CA THR B 87 17.70 -9.01 8.14
C THR B 87 16.91 -8.07 9.04
N ILE B 88 15.62 -7.92 8.74
CA ILE B 88 14.73 -7.06 9.51
C ILE B 88 13.48 -7.78 10.04
N VAL B 89 12.93 -7.26 11.12
CA VAL B 89 11.79 -7.87 11.79
C VAL B 89 10.55 -6.99 11.62
N SER B 90 9.40 -7.61 11.37
CA SER B 90 8.18 -6.85 11.14
C SER B 90 7.39 -6.59 12.42
N ARG B 91 6.42 -5.68 12.33
CA ARG B 91 5.47 -5.48 13.41
C ARG B 91 4.77 -6.81 13.67
N GLU B 92 4.05 -6.90 14.77
CA GLU B 92 3.34 -8.13 15.09
C GLU B 92 1.90 -8.04 14.61
N ALA B 93 1.32 -9.19 14.30
CA ALA B 93 -0.09 -9.26 13.89
C ALA B 93 -0.78 -10.41 14.59
N LYS B 94 -1.98 -10.15 15.11
CA LYS B 94 -2.76 -11.19 15.76
C LYS B 94 -3.74 -11.85 14.79
N LEU B 95 -3.73 -13.17 14.77
CA LEU B 95 -4.78 -13.92 14.12
C LEU B 95 -5.77 -14.38 15.20
N GLN B 96 -7.02 -13.96 15.07
CA GLN B 96 -8.07 -14.35 16.00
C GLN B 96 -9.22 -14.99 15.24
N PHE B 97 -10.04 -15.74 15.94
CA PHE B 97 -11.15 -16.43 15.30
C PHE B 97 -12.49 -15.95 15.83
N ALA B 98 -13.28 -15.36 14.95
CA ALA B 98 -14.61 -14.90 15.29
C ALA B 98 -15.64 -15.98 15.03
N TYR B 99 -16.77 -15.90 15.74
CA TYR B 99 -17.87 -16.81 15.54
C TYR B 99 -19.03 -16.37 16.40
N LEU B 100 -20.19 -16.97 16.17
CA LEU B 100 -21.39 -16.65 16.92
C LEU B 100 -22.39 -17.78 16.78
N GLU B 101 -22.63 -18.50 17.87
CA GLU B 101 -23.55 -19.63 17.86
C GLU B 101 -25.00 -19.14 17.87
N ASN B 102 -25.92 -20.04 17.57
CA ASN B 102 -27.34 -19.74 17.72
C ASN B 102 -27.72 -19.87 19.18
N PHE B 103 -28.87 -19.32 19.55
CA PHE B 103 -29.39 -19.50 20.89
C PHE B 103 -29.75 -20.96 21.11
N LYS B 104 -29.56 -21.44 22.34
CA LYS B 104 -29.92 -22.81 22.68
C LYS B 104 -31.41 -23.05 22.49
N THR B 105 -32.21 -22.46 23.38
CA THR B 105 -33.64 -22.69 23.40
C THR B 105 -34.37 -21.97 22.26
N ARG B 106 -35.60 -22.38 22.01
CA ARG B 106 -36.45 -21.73 21.03
C ARG B 106 -37.74 -21.26 21.70
N THR B 107 -37.80 -21.43 23.02
CA THR B 107 -38.95 -21.00 23.82
C THR B 107 -38.50 -20.37 25.15
N ARG B 108 -39.09 -19.22 25.49
CA ARG B 108 -38.79 -18.57 26.76
C ARG B 108 -40.05 -18.22 27.53
N SER B 109 -39.93 -18.21 28.86
CA SER B 109 -41.06 -17.91 29.73
C SER B 109 -41.75 -16.60 29.35
N THR B 110 -43.04 -16.52 29.61
CA THR B 110 -43.83 -15.34 29.30
C THR B 110 -43.86 -14.36 30.48
N VAL B 111 -43.06 -13.30 30.38
CA VAL B 111 -42.92 -12.30 31.45
C VAL B 111 -44.20 -11.47 31.63
N SER B 112 -44.28 -10.76 32.75
CA SER B 112 -45.42 -9.89 33.03
C SER B 112 -45.09 -8.84 34.08
N VAL B 113 -45.82 -7.72 34.06
CA VAL B 113 -45.49 -6.56 34.89
C VAL B 113 -46.68 -5.61 35.08
N ARG B 114 -46.64 -4.85 36.18
CA ARG B 114 -47.66 -3.83 36.46
C ARG B 114 -47.51 -2.65 35.50
N ARG B 115 -48.62 -2.17 34.97
CA ARG B 115 -48.58 -1.05 34.02
C ARG B 115 -48.04 0.22 34.69
N GLY B 116 -47.05 0.84 34.05
CA GLY B 116 -46.44 2.04 34.59
C GLY B 116 -45.16 1.76 35.36
N GLN B 117 -44.68 0.53 35.25
CA GLN B 117 -43.48 0.11 35.95
C GLN B 117 -42.28 0.03 35.01
N GLY B 118 -41.09 -0.12 35.58
CA GLY B 118 -39.88 -0.26 34.79
C GLY B 118 -39.56 -1.72 34.50
N MET B 119 -39.15 -2.00 33.27
CA MET B 119 -38.78 -3.35 32.86
C MET B 119 -37.39 -3.45 32.24
N VAL B 120 -36.88 -4.68 32.16
CA VAL B 120 -35.62 -4.95 31.50
C VAL B 120 -35.65 -6.34 30.90
N LEU B 121 -35.64 -6.40 29.57
CA LEU B 121 -35.67 -7.67 28.85
C LEU B 121 -34.27 -8.15 28.52
N LEU B 122 -33.89 -9.27 29.12
CA LEU B 122 -32.55 -9.84 28.96
C LEU B 122 -32.37 -10.46 27.59
N CYS B 123 -31.37 -9.98 26.85
CA CYS B 123 -31.01 -10.57 25.57
C CYS B 123 -30.29 -11.88 25.83
N GLY B 124 -29.19 -11.82 26.58
CA GLY B 124 -28.42 -12.99 26.91
C GLY B 124 -27.85 -13.66 25.68
N PRO B 125 -26.74 -13.13 25.17
CA PRO B 125 -26.11 -13.59 23.92
C PRO B 125 -25.60 -15.02 24.03
N PRO B 126 -25.49 -15.72 22.89
CA PRO B 126 -24.87 -17.05 22.79
C PRO B 126 -23.35 -16.91 22.78
N PRO B 127 -22.63 -17.99 23.09
CA PRO B 127 -21.16 -17.94 23.09
C PRO B 127 -20.65 -17.40 21.78
N HIS B 128 -19.58 -16.61 21.82
CA HIS B 128 -19.12 -15.89 20.65
C HIS B 128 -17.66 -15.47 20.80
N SER B 129 -17.12 -14.90 19.72
CA SER B 129 -15.81 -14.25 19.77
C SER B 129 -15.82 -13.06 18.82
N GLY B 130 -15.68 -11.87 19.38
CA GLY B 130 -15.77 -10.64 18.60
C GLY B 130 -16.78 -9.69 19.19
N GLU B 131 -16.74 -8.43 18.76
CA GLU B 131 -17.65 -7.41 19.27
C GLU B 131 -19.05 -7.57 18.68
N LEU B 132 -20.06 -7.60 19.55
CA LEU B 132 -21.43 -7.76 19.11
C LEU B 132 -22.20 -6.45 19.15
N SER B 133 -23.15 -6.32 18.25
CA SER B 133 -24.13 -5.23 18.31
C SER B 133 -25.52 -5.83 18.47
N TYR B 134 -26.42 -5.08 19.10
CA TYR B 134 -27.73 -5.62 19.43
C TYR B 134 -28.86 -4.76 18.88
N ALA B 135 -29.93 -5.43 18.49
CA ALA B 135 -31.16 -4.74 18.09
C ALA B 135 -32.33 -5.59 18.55
N TRP B 136 -33.48 -4.95 18.75
CA TRP B 136 -34.66 -5.67 19.18
C TRP B 136 -35.80 -5.54 18.20
N ILE B 137 -36.63 -6.58 18.14
CA ILE B 137 -37.80 -6.58 17.30
C ILE B 137 -39.03 -6.70 18.17
N PHE B 138 -39.95 -5.73 18.05
CA PHE B 138 -41.20 -5.78 18.79
C PHE B 138 -42.34 -6.10 17.84
N ASN B 139 -42.99 -7.24 18.07
CA ASN B 139 -44.09 -7.69 17.23
C ASN B 139 -43.75 -7.69 15.75
N GLU B 140 -42.63 -8.33 15.41
CA GLU B 140 -42.24 -8.55 14.02
C GLU B 140 -41.78 -7.28 13.31
N TYR B 141 -41.59 -6.22 14.07
CA TYR B 141 -41.27 -4.92 13.49
C TYR B 141 -40.19 -4.29 14.36
N PRO B 142 -39.22 -3.59 13.74
CA PRO B 142 -38.10 -3.02 14.48
C PRO B 142 -38.55 -2.28 15.73
N SER B 143 -37.98 -2.65 16.88
CA SER B 143 -38.31 -2.01 18.15
C SER B 143 -37.90 -0.54 18.12
N TYR B 144 -38.80 0.33 18.55
CA TYR B 144 -38.53 1.76 18.57
C TYR B 144 -37.73 2.13 19.81
N GLN B 145 -36.69 2.93 19.62
CA GLN B 145 -35.89 3.45 20.73
C GLN B 145 -36.17 4.94 20.94
N ASP B 146 -36.39 5.32 22.20
CA ASP B 146 -36.62 6.71 22.55
C ASP B 146 -36.21 6.97 24.00
N ASN B 147 -36.70 8.06 24.57
CA ASN B 147 -36.33 8.43 25.94
C ASN B 147 -36.85 7.43 26.97
N ARG B 148 -37.82 6.61 26.55
CA ARG B 148 -38.45 5.64 27.44
C ARG B 148 -37.95 4.22 27.18
N ARG B 149 -37.53 3.95 25.95
CA ARG B 149 -37.00 2.63 25.59
C ARG B 149 -35.56 2.70 25.10
N PHE B 150 -34.72 1.84 25.63
CA PHE B 150 -33.28 1.92 25.43
C PHE B 150 -32.65 0.54 25.28
N VAL B 151 -31.74 0.41 24.33
CA VAL B 151 -31.03 -0.85 24.09
C VAL B 151 -29.53 -0.71 24.32
N SER B 152 -29.02 -1.46 25.27
CA SER B 152 -27.59 -1.40 25.61
C SER B 152 -26.77 -2.16 24.57
N GLN B 153 -25.75 -1.49 24.02
CA GLN B 153 -24.84 -2.12 23.07
C GLN B 153 -23.73 -2.89 23.79
N GLU B 154 -23.75 -2.84 25.12
CA GLU B 154 -22.78 -3.58 25.91
C GLU B 154 -23.35 -4.84 26.53
N THR B 155 -24.63 -4.79 26.93
CA THR B 155 -25.27 -5.97 27.52
C THR B 155 -26.30 -6.61 26.59
N GLY B 156 -26.88 -5.81 25.70
CA GLY B 156 -27.87 -6.30 24.77
C GLY B 156 -29.29 -6.28 25.30
N ASN B 157 -29.43 -6.05 26.61
CA ASN B 157 -30.75 -5.96 27.22
C ASN B 157 -31.56 -4.81 26.66
N LEU B 158 -32.88 -4.93 26.77
CA LEU B 158 -33.78 -3.86 26.37
C LEU B 158 -34.46 -3.30 27.61
N TYR B 159 -34.18 -2.03 27.91
CA TYR B 159 -34.70 -1.39 29.11
C TYR B 159 -35.89 -0.49 28.80
N ILE B 160 -37.06 -0.85 29.32
CA ILE B 160 -38.24 0.00 29.25
C ILE B 160 -38.38 0.75 30.58
N ALA B 161 -38.35 2.09 30.52
CA ALA B 161 -38.34 2.91 31.74
C ALA B 161 -39.68 2.90 32.47
N LYS B 162 -40.76 2.94 31.70
CA LYS B 162 -42.09 3.04 32.26
C LYS B 162 -43.09 2.43 31.28
N VAL B 163 -43.65 1.28 31.64
CA VAL B 163 -44.48 0.50 30.73
C VAL B 163 -45.84 1.14 30.40
N GLU B 164 -46.13 1.23 29.10
CA GLU B 164 -47.45 1.64 28.62
C GLU B 164 -48.20 0.37 28.22
N LYS B 165 -49.49 0.50 27.92
CA LYS B 165 -50.26 -0.66 27.50
C LYS B 165 -49.95 -1.09 26.07
N SER B 166 -49.33 -0.20 25.31
CA SER B 166 -48.99 -0.47 23.91
C SER B 166 -47.83 -1.44 23.80
N ASP B 167 -47.16 -1.69 24.92
CA ASP B 167 -45.91 -2.46 24.92
C ASP B 167 -46.09 -3.98 24.96
N VAL B 168 -47.28 -4.43 25.36
CA VAL B 168 -47.56 -5.87 25.36
C VAL B 168 -47.42 -6.46 23.96
N GLY B 169 -46.67 -7.55 23.85
CA GLY B 169 -46.39 -8.19 22.58
C GLY B 169 -45.28 -9.21 22.69
N ASN B 170 -44.60 -9.44 21.56
CA ASN B 170 -43.51 -10.40 21.51
C ASN B 170 -42.16 -9.73 21.26
N TYR B 171 -41.25 -9.87 22.22
CA TYR B 171 -39.92 -9.26 22.11
C TYR B 171 -38.84 -10.29 21.80
N THR B 172 -38.14 -10.08 20.70
CA THR B 172 -37.04 -10.95 20.34
C THR B 172 -35.79 -10.13 19.97
N CYS B 173 -34.64 -10.62 20.40
CA CYS B 173 -33.38 -9.90 20.24
C CYS B 173 -32.55 -10.44 19.08
N VAL B 174 -32.13 -9.56 18.18
CA VAL B 174 -31.21 -9.93 17.11
C VAL B 174 -29.78 -9.48 17.43
N VAL B 175 -28.86 -10.45 17.49
CA VAL B 175 -27.47 -10.16 17.79
C VAL B 175 -26.57 -10.27 16.57
N THR B 176 -25.66 -9.31 16.42
CA THR B 176 -24.77 -9.25 15.27
C THR B 176 -23.30 -9.32 15.66
N ASN B 177 -22.54 -10.12 14.92
CA ASN B 177 -21.09 -10.15 15.09
C ASN B 177 -20.46 -9.13 14.15
N THR B 178 -20.11 -7.97 14.69
CA THR B 178 -19.67 -6.85 13.87
C THR B 178 -18.52 -7.17 12.92
N VAL B 179 -17.73 -8.19 13.24
CA VAL B 179 -16.60 -8.57 12.41
C VAL B 179 -17.03 -9.33 11.15
N THR B 180 -17.79 -10.40 11.34
CA THR B 180 -18.25 -11.23 10.22
C THR B 180 -19.58 -10.75 9.68
N ASN B 181 -20.31 -10.00 10.50
CA ASN B 181 -21.66 -9.55 10.18
C ASN B 181 -22.67 -10.71 10.27
N HIS B 182 -22.22 -11.83 10.81
CA HIS B 182 -23.11 -12.96 11.07
C HIS B 182 -24.18 -12.52 12.06
N LYS B 183 -25.38 -13.07 11.91
CA LYS B 183 -26.53 -12.55 12.62
C LYS B 183 -27.45 -13.68 13.07
N VAL B 184 -27.87 -13.65 14.33
CA VAL B 184 -28.76 -14.68 14.87
C VAL B 184 -29.92 -14.04 15.63
N LEU B 185 -31.10 -14.66 15.54
CA LEU B 185 -32.27 -14.18 16.26
C LEU B 185 -32.55 -15.09 17.45
N GLY B 186 -32.86 -14.47 18.59
CA GLY B 186 -33.16 -15.22 19.80
C GLY B 186 -34.62 -15.60 19.92
N PRO B 187 -34.96 -16.39 20.95
CA PRO B 187 -36.35 -16.80 21.17
C PRO B 187 -37.20 -15.59 21.53
N PRO B 188 -38.46 -15.57 21.07
CA PRO B 188 -39.40 -14.49 21.38
C PRO B 188 -39.89 -14.62 22.81
N THR B 189 -39.83 -13.52 23.56
CA THR B 189 -40.41 -13.49 24.89
C THR B 189 -41.63 -12.58 24.92
N PRO B 190 -42.78 -13.13 25.33
CA PRO B 190 -44.01 -12.35 25.44
C PRO B 190 -44.07 -11.57 26.76
N LEU B 191 -44.63 -10.37 26.73
CA LEU B 191 -44.90 -9.65 27.97
C LEU B 191 -46.36 -9.18 28.00
N ILE B 192 -46.94 -9.14 29.19
CA ILE B 192 -48.36 -8.81 29.34
C ILE B 192 -48.59 -7.97 30.59
N LEU B 193 -49.75 -7.32 30.65
CA LEU B 193 -50.08 -6.47 31.78
C LEU B 193 -50.76 -7.23 32.92
N ARG B 194 -50.32 -6.97 34.14
CA ARG B 194 -50.97 -7.51 35.31
C ARG B 194 -52.25 -6.73 35.56
N ASN B 195 -53.20 -7.34 36.27
CA ASN B 195 -54.40 -6.67 36.70
C ASN B 195 -54.26 -6.28 38.16
N ASP B 196 -53.11 -6.67 38.74
CA ASP B 196 -52.80 -6.37 40.12
C ASP B 196 -53.13 -4.91 40.46
N GLY B 197 -52.39 -4.00 39.85
CA GLY B 197 -52.58 -2.57 40.07
C GLY B 197 -51.47 -1.77 39.45
N VAL B 198 -51.67 -0.46 39.35
CA VAL B 198 -50.68 0.42 38.73
C VAL B 198 -49.66 0.95 39.73
N MET B 199 -48.40 0.97 39.33
CA MET B 199 -47.33 1.48 40.17
C MET B 199 -47.23 3.01 40.05
N GLY B 200 -47.07 3.68 41.19
CA GLY B 200 -47.03 5.12 41.23
C GLY B 200 -45.64 5.69 41.00
N GLU B 201 -45.57 7.01 40.85
CA GLU B 201 -44.32 7.69 40.53
C GLU B 201 -43.25 7.50 41.61
N TYR B 202 -42.01 7.28 41.17
CA TYR B 202 -40.91 7.02 42.09
C TYR B 202 -39.56 7.53 41.54
N GLU B 203 -38.57 7.65 42.43
CA GLU B 203 -37.23 8.08 42.04
C GLU B 203 -36.68 7.22 40.91
N PRO B 204 -35.86 7.83 40.04
CA PRO B 204 -35.20 7.08 38.98
C PRO B 204 -34.12 6.18 39.57
N LYS B 205 -34.02 4.95 39.07
CA LYS B 205 -32.96 4.05 39.48
C LYS B 205 -32.12 3.60 38.28
N ILE B 206 -30.88 4.07 38.21
CA ILE B 206 -29.99 3.74 37.11
C ILE B 206 -29.71 2.24 37.09
N GLU B 207 -29.96 1.62 35.94
CA GLU B 207 -29.83 0.18 35.82
C GLU B 207 -28.68 -0.21 34.90
N VAL B 208 -28.25 0.73 34.06
CA VAL B 208 -27.08 0.52 33.21
C VAL B 208 -26.11 1.68 33.39
N GLN B 209 -24.87 1.36 33.78
CA GLN B 209 -23.84 2.39 33.96
C GLN B 209 -22.58 2.02 33.19
N PHE B 210 -21.72 3.01 33.00
CA PHE B 210 -20.38 2.74 32.48
C PHE B 210 -19.47 2.35 33.64
N PRO B 211 -18.51 1.45 33.38
CA PRO B 211 -17.60 0.95 34.43
C PRO B 211 -17.04 2.07 35.31
N GLU B 212 -16.59 1.72 36.51
CA GLU B 212 -16.02 2.71 37.41
C GLU B 212 -14.69 3.24 36.88
N THR B 213 -14.01 2.41 36.08
CA THR B 213 -12.81 2.84 35.38
C THR B 213 -12.92 2.47 33.90
N VAL B 214 -12.64 3.44 33.03
CA VAL B 214 -12.81 3.25 31.60
C VAL B 214 -11.54 3.62 30.82
N PRO B 215 -10.78 2.61 30.38
CA PRO B 215 -9.62 2.87 29.52
C PRO B 215 -10.06 3.55 28.24
N ALA B 216 -9.41 4.64 27.89
CA ALA B 216 -9.78 5.40 26.69
C ALA B 216 -8.57 5.65 25.80
N GLU B 217 -8.53 4.96 24.66
CA GLU B 217 -7.40 5.06 23.75
C GLU B 217 -7.44 6.36 22.95
N LYS B 218 -6.28 7.03 22.86
CA LYS B 218 -6.18 8.29 22.14
C LYS B 218 -6.54 8.09 20.67
N GLY B 219 -7.28 9.05 20.11
CA GLY B 219 -7.70 8.97 18.74
C GLY B 219 -9.08 8.36 18.55
N THR B 220 -9.35 7.28 19.27
CA THR B 220 -10.63 6.56 19.11
C THR B 220 -11.82 7.35 19.62
N THR B 221 -12.99 6.75 19.52
CA THR B 221 -14.22 7.36 19.99
C THR B 221 -14.89 6.50 21.06
N VAL B 222 -14.86 6.98 22.30
CA VAL B 222 -15.37 6.22 23.43
C VAL B 222 -16.81 6.61 23.77
N LYS B 223 -17.64 5.61 24.02
CA LYS B 223 -19.05 5.82 24.37
C LYS B 223 -19.30 5.47 25.82
N LEU B 224 -20.16 6.24 26.47
CA LEU B 224 -20.55 5.97 27.85
C LEU B 224 -22.05 5.75 27.97
N GLU B 225 -22.45 4.66 28.62
CA GLU B 225 -23.86 4.31 28.77
C GLU B 225 -24.44 4.67 30.13
N CYS B 226 -25.65 5.20 30.14
CA CYS B 226 -26.36 5.49 31.38
C CYS B 226 -27.86 5.64 31.14
N PHE B 227 -28.65 4.77 31.75
CA PHE B 227 -30.10 4.78 31.60
C PHE B 227 -30.77 4.31 32.88
N ALA B 228 -31.90 4.92 33.22
CA ALA B 228 -32.59 4.58 34.46
C ALA B 228 -34.07 4.24 34.25
N LEU B 229 -34.66 3.58 35.25
CA LEU B 229 -36.09 3.34 35.26
C LEU B 229 -36.76 4.43 36.10
N GLY B 230 -38.08 4.39 36.20
CA GLY B 230 -38.78 5.32 37.06
C GLY B 230 -40.00 5.97 36.43
N ASN B 231 -40.86 6.52 37.28
CA ASN B 231 -42.05 7.22 36.84
C ASN B 231 -42.11 8.58 37.51
N PRO B 232 -42.21 9.66 36.71
CA PRO B 232 -42.25 9.64 35.24
C PRO B 232 -40.92 9.22 34.61
N VAL B 233 -40.90 9.15 33.28
CA VAL B 233 -39.71 8.74 32.55
C VAL B 233 -38.55 9.70 32.81
N PRO B 234 -37.46 9.19 33.40
CA PRO B 234 -36.31 10.01 33.80
C PRO B 234 -35.57 10.62 32.61
N THR B 235 -35.01 11.81 32.81
CA THR B 235 -34.14 12.42 31.82
C THR B 235 -32.68 12.20 32.20
N ILE B 236 -31.80 12.21 31.21
CA ILE B 236 -30.38 11.98 31.43
C ILE B 236 -29.55 13.24 31.17
N LEU B 237 -28.61 13.51 32.06
CA LEU B 237 -27.70 14.65 31.92
C LEU B 237 -26.26 14.19 32.12
N TRP B 238 -25.33 14.88 31.48
CA TRP B 238 -23.91 14.52 31.57
C TRP B 238 -23.05 15.68 32.06
N ARG B 239 -22.28 15.43 33.12
CA ARG B 239 -21.38 16.44 33.67
C ARG B 239 -19.98 15.88 33.85
N ARG B 240 -19.03 16.78 34.10
CA ARG B 240 -17.70 16.40 34.53
C ARG B 240 -17.56 16.79 36.00
N ALA B 241 -17.26 15.80 36.85
CA ALA B 241 -17.25 16.00 38.29
C ALA B 241 -16.22 17.03 38.76
N ASP B 242 -15.56 17.67 37.80
CA ASP B 242 -14.62 18.74 38.11
C ASP B 242 -15.06 20.09 37.53
N GLY B 243 -16.37 20.21 37.29
CA GLY B 243 -16.96 21.47 36.87
C GLY B 243 -16.70 21.87 35.42
N LYS B 244 -15.61 21.38 34.85
CA LYS B 244 -15.24 21.73 33.48
C LYS B 244 -16.38 21.45 32.49
N PRO B 245 -16.57 22.35 31.52
CA PRO B 245 -17.57 22.16 30.46
C PRO B 245 -17.23 20.96 29.60
N ILE B 246 -18.24 20.36 28.97
CA ILE B 246 -18.03 19.17 28.16
C ILE B 246 -17.26 19.53 26.89
N ALA B 247 -16.59 18.55 26.30
CA ALA B 247 -15.70 18.78 25.16
C ALA B 247 -16.36 19.51 23.98
N ARG B 248 -17.67 19.38 23.88
CA ARG B 248 -18.44 20.03 22.81
C ARG B 248 -18.40 19.25 21.50
N LYS B 249 -17.29 18.56 21.26
CA LYS B 249 -17.24 17.59 20.16
C LYS B 249 -18.00 16.35 20.62
N ALA B 250 -18.20 16.24 21.93
CA ALA B 250 -18.98 15.16 22.51
C ALA B 250 -20.42 15.28 22.04
N ARG B 251 -20.99 14.15 21.64
CA ARG B 251 -22.33 14.13 21.07
C ARG B 251 -23.37 13.51 22.01
N ARG B 252 -24.62 13.61 21.62
CA ARG B 252 -25.72 12.97 22.34
C ARG B 252 -26.65 12.23 21.37
N HIS B 253 -26.76 10.92 21.54
CA HIS B 253 -27.72 10.13 20.78
C HIS B 253 -28.44 9.13 21.69
N LYS B 254 -29.35 8.35 21.10
CA LYS B 254 -30.15 7.39 21.84
C LYS B 254 -30.92 8.11 22.96
N SER B 255 -31.57 9.22 22.59
CA SER B 255 -32.28 10.07 23.54
C SER B 255 -31.42 10.41 24.76
N ASN B 256 -30.19 10.84 24.49
CA ASN B 256 -29.24 11.23 25.53
C ASN B 256 -28.97 10.14 26.56
N GLY B 257 -29.16 8.89 26.15
CA GLY B 257 -28.83 7.75 27.00
C GLY B 257 -27.38 7.37 26.82
N ILE B 258 -26.77 7.90 25.76
CA ILE B 258 -25.37 7.61 25.45
C ILE B 258 -24.57 8.88 25.16
N LEU B 259 -23.36 8.93 25.69
CA LEU B 259 -22.45 10.03 25.42
C LEU B 259 -21.29 9.53 24.58
N GLU B 260 -21.05 10.18 23.44
CA GLU B 260 -19.93 9.80 22.58
C GLU B 260 -18.83 10.85 22.59
N ILE B 261 -17.58 10.39 22.61
CA ILE B 261 -16.42 11.27 22.60
C ILE B 261 -15.48 10.90 21.46
N PRO B 262 -15.53 11.66 20.36
CA PRO B 262 -14.65 11.42 19.21
C PRO B 262 -13.22 11.88 19.47
N ASN B 263 -12.25 11.18 18.87
CA ASN B 263 -10.85 11.61 18.91
C ASN B 263 -10.38 11.96 20.32
N PHE B 264 -10.19 10.95 21.14
CA PHE B 264 -9.87 11.14 22.57
C PHE B 264 -8.49 11.76 22.78
N GLN B 265 -8.44 12.78 23.64
CA GLN B 265 -7.18 13.43 23.98
C GLN B 265 -6.97 13.48 25.49
N GLN B 266 -5.74 13.71 25.92
CA GLN B 266 -5.41 13.77 27.34
C GLN B 266 -6.37 14.67 28.12
N GLU B 267 -6.94 15.65 27.42
CA GLU B 267 -7.84 16.62 28.05
C GLU B 267 -9.17 16.00 28.45
N ASP B 268 -9.65 15.07 27.64
CA ASP B 268 -10.97 14.49 27.84
C ASP B 268 -10.99 13.41 28.92
N ALA B 269 -9.83 13.17 29.53
CA ALA B 269 -9.73 12.21 30.62
C ALA B 269 -10.43 12.77 31.86
N GLY B 270 -10.39 12.03 32.95
CA GLY B 270 -10.94 12.52 34.21
C GLY B 270 -12.20 11.83 34.67
N SER B 271 -12.80 12.35 35.74
CA SER B 271 -13.99 11.75 36.33
C SER B 271 -15.27 12.23 35.65
N TYR B 272 -16.12 11.28 35.28
CA TYR B 272 -17.39 11.58 34.63
C TYR B 272 -18.57 11.07 35.45
N GLU B 273 -19.62 11.88 35.52
CA GLU B 273 -20.82 11.50 36.25
C GLU B 273 -22.07 11.69 35.41
N CYS B 274 -23.11 10.92 35.73
CA CYS B 274 -24.34 10.87 34.95
C CYS B 274 -25.54 11.14 35.85
N VAL B 275 -26.43 12.03 35.40
CA VAL B 275 -27.56 12.47 36.23
C VAL B 275 -28.92 12.08 35.67
N ALA B 276 -29.57 11.13 36.33
CA ALA B 276 -30.91 10.69 35.95
C ALA B 276 -31.93 11.22 36.96
N GLU B 277 -33.00 11.81 36.47
CA GLU B 277 -33.99 12.40 37.38
C GLU B 277 -35.36 12.67 36.77
N ASN B 278 -36.34 12.83 37.65
CA ASN B 278 -37.68 13.25 37.28
C ASN B 278 -38.23 14.18 38.36
N SER B 279 -39.52 14.04 38.66
CA SER B 279 -40.16 14.89 39.67
C SER B 279 -39.97 14.32 41.07
N ARG B 280 -39.43 13.11 41.16
CA ARG B 280 -39.33 12.41 42.43
C ARG B 280 -37.95 12.48 43.06
N GLY B 281 -36.91 12.48 42.23
CA GLY B 281 -35.55 12.55 42.75
C GLY B 281 -34.46 12.43 41.71
N LYS B 282 -33.29 12.00 42.15
CA LYS B 282 -32.13 11.90 41.27
C LYS B 282 -31.33 10.64 41.56
N ASN B 283 -30.27 10.46 40.79
CA ASN B 283 -29.36 9.34 40.96
C ASN B 283 -28.14 9.57 40.07
N VAL B 284 -26.95 9.48 40.64
CA VAL B 284 -25.74 9.67 39.85
C VAL B 284 -24.90 8.40 39.76
N ALA B 285 -24.26 8.23 38.61
CA ALA B 285 -23.30 7.16 38.40
C ALA B 285 -21.97 7.78 38.05
N LYS B 286 -20.90 7.33 38.69
CA LYS B 286 -19.58 7.89 38.42
C LYS B 286 -18.68 6.86 37.74
N GLY B 287 -17.69 7.37 37.03
CA GLY B 287 -16.72 6.54 36.34
C GLY B 287 -15.53 7.39 35.93
N GLN B 288 -14.37 6.77 35.80
CA GLN B 288 -13.16 7.48 35.42
C GLN B 288 -12.66 7.09 34.04
N LEU B 289 -12.37 8.08 33.21
CA LEU B 289 -11.78 7.82 31.90
C LEU B 289 -10.27 8.05 31.95
N THR B 290 -9.53 6.95 31.83
CA THR B 290 -8.07 6.98 31.94
C THR B 290 -7.41 7.01 30.55
N PHE B 291 -6.78 8.13 30.23
CA PHE B 291 -6.14 8.31 28.94
C PHE B 291 -4.95 7.37 28.76
N TYR B 292 -4.89 6.72 27.60
CA TYR B 292 -3.72 5.92 27.23
C TYR B 292 -3.50 5.96 25.72
N ALA B 293 -2.28 5.67 25.29
CA ALA B 293 -1.96 5.68 23.87
C ALA B 293 -0.78 4.77 23.54
N GLN B 294 -0.92 4.00 22.47
CA GLN B 294 0.17 3.17 21.99
C GLN B 294 1.28 4.06 21.44
N PRO B 295 2.50 3.52 21.35
CA PRO B 295 3.60 4.34 20.84
C PRO B 295 3.35 4.72 19.39
N ASN B 296 3.76 5.92 19.01
CA ASN B 296 3.80 6.33 17.62
C ASN B 296 5.06 7.14 17.33
N TRP B 297 5.63 6.95 16.16
CA TRP B 297 6.89 7.60 15.82
C TRP B 297 6.78 9.11 15.68
N VAL B 298 7.84 9.79 16.09
CA VAL B 298 7.97 11.24 15.93
C VAL B 298 9.25 11.48 15.14
N GLN B 299 10.23 10.61 15.36
CA GLN B 299 11.47 10.60 14.59
C GLN B 299 11.97 9.18 14.46
N ILE B 300 12.14 8.72 13.23
CA ILE B 300 12.55 7.35 12.97
C ILE B 300 13.98 7.36 12.49
N ILE B 301 14.64 6.20 12.55
CA ILE B 301 15.98 6.11 12.01
C ILE B 301 15.91 6.08 10.48
N ASN B 302 17.02 6.45 9.84
CA ASN B 302 17.08 6.62 8.40
C ASN B 302 18.28 5.88 7.85
N ASP B 303 18.25 5.57 6.55
CA ASP B 303 19.37 4.91 5.90
C ASP B 303 20.63 5.77 5.99
N ILE B 304 21.75 5.14 6.30
CA ILE B 304 23.00 5.88 6.32
C ILE B 304 24.08 5.21 5.47
N HIS B 305 24.65 6.01 4.56
CA HIS B 305 25.74 5.56 3.72
C HIS B 305 26.97 6.42 4.05
N VAL B 306 27.94 5.84 4.75
CA VAL B 306 28.98 6.61 5.43
C VAL B 306 30.40 6.13 5.17
N ALA B 307 31.33 7.09 5.07
CA ALA B 307 32.76 6.79 4.91
C ALA B 307 33.34 6.05 6.11
N MET B 308 34.40 5.28 5.87
CA MET B 308 35.09 4.56 6.94
C MET B 308 35.68 5.47 7.99
N GLU B 309 35.48 5.10 9.25
CA GLU B 309 36.09 5.77 10.40
C GLU B 309 35.39 7.05 10.83
N GLU B 310 34.34 7.45 10.12
CA GLU B 310 33.50 8.53 10.59
C GLU B 310 32.65 7.98 11.72
N SER B 311 31.88 8.84 12.37
CA SER B 311 30.95 8.39 13.39
C SER B 311 29.54 8.35 12.83
N VAL B 312 28.69 7.58 13.48
CA VAL B 312 27.31 7.39 13.06
C VAL B 312 26.39 7.53 14.25
N PHE B 313 25.42 8.41 14.13
CA PHE B 313 24.48 8.66 15.22
C PHE B 313 23.05 8.51 14.75
N TRP B 314 22.24 7.82 15.55
CA TRP B 314 20.81 7.70 15.33
C TRP B 314 20.06 7.97 16.61
N GLU B 315 19.01 8.78 16.52
CA GLU B 315 18.07 8.89 17.60
C GLU B 315 16.66 8.67 17.06
N CYS B 316 15.91 7.80 17.71
CA CYS B 316 14.50 7.66 17.40
C CYS B 316 13.67 8.15 18.58
N LYS B 317 12.50 8.70 18.27
CA LYS B 317 11.63 9.24 19.30
C LYS B 317 10.19 8.79 19.06
N ALA B 318 9.55 8.32 20.12
CA ALA B 318 8.14 7.98 20.05
C ALA B 318 7.42 8.59 21.24
N ASN B 319 6.16 8.95 21.05
CA ASN B 319 5.34 9.32 22.21
C ASN B 319 4.24 8.30 22.45
N GLY B 320 3.44 8.55 23.48
CA GLY B 320 2.40 7.63 23.91
C GLY B 320 2.31 7.65 25.42
N ARG B 321 1.26 7.07 25.98
CA ARG B 321 1.11 6.99 27.43
C ARG B 321 0.77 5.57 27.87
N PRO B 322 1.63 4.96 28.70
CA PRO B 322 2.82 5.57 29.32
C PRO B 322 3.90 5.92 28.30
N LYS B 323 4.89 6.71 28.71
CA LYS B 323 5.98 7.09 27.83
C LYS B 323 6.82 5.87 27.45
N PRO B 324 6.92 5.59 26.15
CA PRO B 324 7.60 4.41 25.57
C PRO B 324 9.07 4.29 25.94
N THR B 325 9.54 3.05 26.13
CA THR B 325 10.97 2.79 26.28
C THR B 325 11.49 2.17 24.99
N TYR B 326 12.81 2.18 24.79
CA TYR B 326 13.40 1.75 23.52
C TYR B 326 14.39 0.61 23.63
N ARG B 327 14.47 -0.22 22.60
CA ARG B 327 15.54 -1.20 22.47
C ARG B 327 15.98 -1.28 21.02
N TRP B 328 17.10 -1.95 20.76
CA TRP B 328 17.66 -1.98 19.42
C TRP B 328 17.96 -3.40 18.95
N LEU B 329 17.99 -3.56 17.63
CA LEU B 329 18.35 -4.81 16.99
C LEU B 329 19.37 -4.56 15.89
N LYS B 330 20.24 -5.53 15.66
CA LYS B 330 21.06 -5.56 14.47
C LYS B 330 20.88 -6.90 13.81
N ASN B 331 20.35 -6.88 12.59
CA ASN B 331 20.03 -8.11 11.86
C ASN B 331 19.15 -9.05 12.69
N GLY B 332 18.24 -8.47 13.47
CA GLY B 332 17.30 -9.25 14.25
C GLY B 332 17.75 -9.59 15.66
N ASP B 333 19.04 -9.44 15.93
CA ASP B 333 19.59 -9.80 17.25
C ASP B 333 19.71 -8.59 18.16
N PRO B 334 19.36 -8.76 19.45
CA PRO B 334 19.44 -7.71 20.46
C PRO B 334 20.80 -7.01 20.47
N LEU B 335 20.79 -5.69 20.35
CA LEU B 335 22.02 -4.90 20.28
C LEU B 335 22.24 -4.10 21.55
N LEU B 336 23.34 -4.38 22.25
CA LEU B 336 23.66 -3.68 23.50
C LEU B 336 25.02 -3.01 23.42
N THR B 337 25.26 -2.06 24.32
CA THR B 337 26.54 -1.36 24.35
C THR B 337 27.70 -2.35 24.28
N ARG B 338 28.72 -2.00 23.49
CA ARG B 338 29.96 -2.74 23.47
C ARG B 338 31.07 -1.90 22.83
N ASP B 339 32.12 -2.54 22.32
CA ASP B 339 33.25 -1.81 21.79
C ASP B 339 32.87 -0.95 20.59
N ARG B 340 33.11 0.35 20.70
CA ARG B 340 32.80 1.33 19.66
C ARG B 340 31.31 1.68 19.56
N ILE B 341 30.44 0.78 19.99
CA ILE B 341 29.01 1.02 19.91
C ILE B 341 28.37 1.32 21.27
N GLN B 342 27.83 2.52 21.40
CA GLN B 342 27.19 2.95 22.63
C GLN B 342 25.68 3.04 22.46
N ILE B 343 24.96 2.15 23.12
CA ILE B 343 23.51 2.17 23.13
C ILE B 343 23.00 2.75 24.43
N GLU B 344 22.41 3.94 24.37
CA GLU B 344 21.78 4.50 25.55
C GLU B 344 20.36 4.95 25.25
N GLN B 345 19.41 4.10 25.62
CA GLN B 345 17.99 4.37 25.44
C GLN B 345 17.64 4.52 23.97
N GLY B 346 17.06 5.64 23.60
CA GLY B 346 16.62 5.84 22.23
C GLY B 346 17.71 6.33 21.30
N THR B 347 18.96 6.17 21.69
CA THR B 347 20.08 6.69 20.90
C THR B 347 21.15 5.64 20.66
N LEU B 348 21.78 5.73 19.49
CA LEU B 348 22.82 4.78 19.11
C LEU B 348 23.97 5.56 18.51
N ASN B 349 25.15 5.42 19.09
CA ASN B 349 26.33 6.10 18.58
C ASN B 349 27.42 5.11 18.24
N ILE B 350 27.89 5.15 16.99
CA ILE B 350 29.08 4.41 16.61
C ILE B 350 30.23 5.39 16.44
N THR B 351 31.28 5.22 17.22
CA THR B 351 32.37 6.19 17.25
C THR B 351 33.24 6.12 16.00
N ILE B 352 33.67 4.91 15.64
CA ILE B 352 34.55 4.73 14.50
C ILE B 352 34.02 3.59 13.65
N VAL B 353 33.19 3.94 12.67
CA VAL B 353 32.51 2.93 11.86
C VAL B 353 33.51 2.12 11.03
N ASN B 354 33.27 0.81 10.94
CA ASN B 354 34.03 -0.04 10.03
C ASN B 354 33.11 -0.95 9.21
N LEU B 355 33.70 -1.66 8.25
CA LEU B 355 32.93 -2.53 7.34
C LEU B 355 32.01 -3.48 8.08
N SER B 356 32.49 -4.05 9.17
CA SER B 356 31.72 -5.02 9.94
C SER B 356 30.45 -4.41 10.52
N ASP B 357 30.38 -3.09 10.58
CA ASP B 357 29.18 -2.41 11.09
C ASP B 357 28.03 -2.32 10.08
N ALA B 358 28.32 -2.55 8.80
CA ALA B 358 27.26 -2.54 7.79
C ALA B 358 26.26 -3.63 8.15
N GLY B 359 24.97 -3.31 8.05
CA GLY B 359 23.92 -4.25 8.39
C GLY B 359 22.58 -3.54 8.53
N MET B 360 21.55 -4.28 8.93
CA MET B 360 20.24 -3.70 9.16
C MET B 360 20.01 -3.44 10.64
N TYR B 361 19.54 -2.24 10.96
CA TYR B 361 19.34 -1.86 12.35
C TYR B 361 17.90 -1.51 12.58
N GLN B 362 17.44 -1.69 13.81
CA GLN B 362 16.08 -1.36 14.14
C GLN B 362 15.97 -0.76 15.53
N CYS B 363 15.20 0.32 15.64
CA CYS B 363 14.80 0.82 16.94
C CYS B 363 13.41 0.30 17.24
N VAL B 364 13.20 -0.09 18.49
CA VAL B 364 11.91 -0.61 18.93
C VAL B 364 11.42 0.21 20.12
N ALA B 365 10.21 0.72 20.02
CA ALA B 365 9.63 1.52 21.08
C ALA B 365 8.36 0.85 21.59
N GLU B 366 8.24 0.71 22.91
CA GLU B 366 7.17 -0.08 23.49
C GLU B 366 6.67 0.46 24.82
N ASN B 367 5.43 0.12 25.13
CA ASN B 367 4.86 0.34 26.45
C ASN B 367 3.77 -0.68 26.69
N LYS B 368 3.03 -0.53 27.78
CA LYS B 368 1.97 -1.49 28.15
C LYS B 368 1.05 -1.86 26.98
N HIS B 369 0.74 -0.89 26.14
CA HIS B 369 -0.34 -1.07 25.15
C HIS B 369 0.12 -1.31 23.70
N GLY B 370 1.41 -1.57 23.49
CA GLY B 370 1.85 -1.85 22.14
C GLY B 370 3.35 -1.76 21.87
N VAL B 371 3.73 -2.13 20.65
CA VAL B 371 5.13 -2.17 20.24
C VAL B 371 5.26 -1.77 18.77
N ILE B 372 6.21 -0.89 18.46
CA ILE B 372 6.43 -0.47 17.08
C ILE B 372 7.89 -0.61 16.68
N PHE B 373 8.12 -0.94 15.42
CA PHE B 373 9.46 -1.13 14.88
C PHE B 373 9.76 -0.09 13.82
N SER B 374 11.05 0.19 13.63
CA SER B 374 11.51 1.06 12.57
C SER B 374 12.83 0.50 12.03
N SER B 375 13.05 0.65 10.73
CA SER B 375 14.22 0.03 10.08
C SER B 375 15.09 1.01 9.31
N ALA B 376 16.36 0.65 9.17
CA ALA B 376 17.31 1.43 8.38
C ALA B 376 18.55 0.59 8.10
N GLU B 377 19.15 0.82 6.94
CA GLU B 377 20.37 0.15 6.56
C GLU B 377 21.56 1.06 6.79
N LEU B 378 22.61 0.51 7.37
CA LEU B 378 23.89 1.20 7.45
C LEU B 378 24.78 0.58 6.39
N SER B 379 25.30 1.43 5.49
CA SER B 379 26.29 0.95 4.52
C SER B 379 27.52 1.84 4.57
N VAL B 380 28.68 1.24 4.37
CA VAL B 380 29.94 1.96 4.47
C VAL B 380 30.56 2.14 3.11
N ILE B 381 30.84 3.39 2.74
CA ILE B 381 31.43 3.70 1.45
C ILE B 381 32.72 2.91 1.24
N ALA B 382 32.71 2.00 0.26
CA ALA B 382 33.87 1.18 -0.05
C ALA B 382 35.12 2.04 -0.20
N GLU B 383 36.28 1.38 -0.27
CA GLU B 383 37.55 2.08 -0.42
C GLU B 383 37.68 2.72 -1.79
#